data_2OQ2
#
_entry.id   2OQ2
#
_cell.length_a   49.418
_cell.length_b   63.082
_cell.length_c   323.960
_cell.angle_alpha   90.00
_cell.angle_beta   90.00
_cell.angle_gamma   90.00
#
_symmetry.space_group_name_H-M   'P 21 21 21'
#
loop_
_entity.id
_entity.type
_entity.pdbx_description
1 polymer 'Phosphoadenosine phosphosulfate reductase'
2 non-polymer "ADENOSINE-3'-5'-DIPHOSPHATE"
3 water water
#
_entity_poly.entity_id   1
_entity_poly.type   'polypeptide(L)'
_entity_poly.pdbx_seq_one_letter_code
;MKTYHLNNDIIVTQEQLDHWNEQLIKLETPQEIIAWSIVTFPHLFQTTAFGLTGLVTIDMLSKLSEKYYMPELLFIDTLH
HFPQTLTLKNEIEKKYYQPKNQTIHVYKPDGCESEADFASKYGDFLWEKDDDKYDYLAKVEPAHRAYKELHISAVFTGRR
KSQGSARSQLSIIEIDELNGILKINPLINWTFEQVKQYIDANNVPYNELLDLGYRSIGDYHSTQPVKEGEDERAGRWKGK
AKTECGIHEASRFAQFLKQDA
;
_entity_poly.pdbx_strand_id   A,B,C,D
#
# COMPACT_ATOMS: atom_id res chain seq x y z
N MET A 1 -0.22 -18.76 -32.59
CA MET A 1 -1.07 -18.15 -31.54
C MET A 1 -1.36 -19.16 -30.43
N LYS A 2 -0.77 -18.94 -29.26
CA LYS A 2 -1.06 -19.75 -28.08
C LYS A 2 -2.48 -19.49 -27.57
N THR A 3 -3.25 -20.57 -27.42
CA THR A 3 -4.58 -20.48 -26.82
C THR A 3 -4.67 -21.40 -25.61
N TYR A 4 -5.48 -20.99 -24.64
CA TYR A 4 -5.66 -21.70 -23.38
C TYR A 4 -7.08 -22.27 -23.31
N HIS A 5 -7.17 -23.56 -23.02
CA HIS A 5 -8.47 -24.21 -22.88
C HIS A 5 -8.91 -24.25 -21.43
N LEU A 6 -10.08 -23.69 -21.17
CA LEU A 6 -10.62 -23.57 -19.81
C LEU A 6 -11.91 -24.38 -19.66
N ASN A 7 -12.36 -24.56 -18.41
CA ASN A 7 -13.65 -25.16 -18.13
C ASN A 7 -14.80 -24.42 -18.84
N ASN A 8 -15.93 -25.10 -19.03
CA ASN A 8 -17.11 -24.54 -19.70
C ASN A 8 -16.84 -24.08 -21.13
N ASP A 9 -15.90 -24.75 -21.79
CA ASP A 9 -15.57 -24.55 -23.21
C ASP A 9 -15.09 -23.15 -23.58
N ILE A 10 -14.67 -22.38 -22.59
CA ILE A 10 -14.09 -21.05 -22.79
C ILE A 10 -12.66 -21.17 -23.32
N ILE A 11 -12.30 -20.26 -24.22
CA ILE A 11 -10.97 -20.23 -24.80
C ILE A 11 -10.41 -18.81 -24.70
N VAL A 12 -9.17 -18.71 -24.25
CA VAL A 12 -8.46 -17.42 -24.16
C VAL A 12 -7.17 -17.48 -24.99
N THR A 13 -6.95 -16.48 -25.83
CA THR A 13 -5.69 -16.39 -26.57
C THR A 13 -4.68 -15.59 -25.74
N GLN A 14 -3.40 -15.76 -26.06
CA GLN A 14 -2.33 -15.01 -25.40
C GLN A 14 -2.56 -13.51 -25.57
N GLU A 15 -3.05 -13.11 -26.74
CA GLU A 15 -3.31 -11.70 -27.04
C GLU A 15 -4.34 -11.09 -26.08
N GLN A 16 -5.39 -11.86 -25.77
CA GLN A 16 -6.41 -11.45 -24.79
C GLN A 16 -5.80 -11.35 -23.40
N LEU A 17 -5.04 -12.36 -23.02
CA LEU A 17 -4.40 -12.40 -21.71
C LEU A 17 -3.47 -11.21 -21.54
N ASP A 18 -2.58 -11.01 -22.51
CA ASP A 18 -1.67 -9.87 -22.52
C ASP A 18 -2.41 -8.55 -22.49
N HIS A 19 -3.50 -8.46 -23.26
CA HIS A 19 -4.27 -7.22 -23.36
C HIS A 19 -4.91 -6.86 -22.02
N TRP A 20 -5.47 -7.86 -21.32
CA TRP A 20 -6.08 -7.62 -20.01
C TRP A 20 -5.07 -7.11 -19.00
N ASN A 21 -3.90 -7.74 -18.94
CA ASN A 21 -2.84 -7.33 -18.02
C ASN A 21 -2.27 -5.95 -18.33
N GLU A 22 -2.29 -5.57 -19.60
CA GLU A 22 -1.84 -4.23 -20.01
C GLU A 22 -2.86 -3.15 -19.64
N GLN A 23 -4.14 -3.45 -19.85
CA GLN A 23 -5.20 -2.47 -19.57
C GLN A 23 -5.53 -2.37 -18.08
N LEU A 24 -5.52 -3.51 -17.39
CA LEU A 24 -5.95 -3.56 -16.00
C LEU A 24 -4.98 -2.85 -15.04
N ILE A 25 -3.72 -2.77 -15.41
CA ILE A 25 -2.74 -2.00 -14.63
C ILE A 25 -3.07 -0.50 -14.60
N LYS A 26 -3.93 -0.07 -15.52
CA LYS A 26 -4.39 1.31 -15.56
C LYS A 26 -5.53 1.59 -14.57
N LEU A 27 -6.15 0.54 -14.03
CA LEU A 27 -7.20 0.70 -13.03
C LEU A 27 -6.60 1.11 -11.67
N GLU A 28 -7.29 2.02 -10.98
CA GLU A 28 -6.73 2.67 -9.82
C GLU A 28 -6.98 1.93 -8.51
N THR A 29 -8.01 1.08 -8.49
CA THR A 29 -8.43 0.42 -7.26
C THR A 29 -8.74 -1.05 -7.50
N PRO A 30 -8.59 -1.88 -6.45
CA PRO A 30 -9.01 -3.28 -6.56
C PRO A 30 -10.50 -3.40 -6.88
N GLN A 31 -11.31 -2.50 -6.33
CA GLN A 31 -12.75 -2.47 -6.62
C GLN A 31 -13.05 -2.35 -8.11
N GLU A 32 -12.23 -1.60 -8.83
CA GLU A 32 -12.35 -1.51 -10.29
C GLU A 32 -11.98 -2.80 -11.02
N ILE A 33 -10.91 -3.46 -10.57
CA ILE A 33 -10.52 -4.76 -11.10
C ILE A 33 -11.62 -5.79 -10.82
N ILE A 34 -12.12 -5.80 -9.60
CA ILE A 34 -13.21 -6.69 -9.22
C ILE A 34 -14.48 -6.41 -10.05
N ALA A 35 -14.88 -5.14 -10.18
CA ALA A 35 -16.07 -4.80 -10.98
C ALA A 35 -15.97 -5.29 -12.43
N TRP A 36 -14.79 -5.10 -13.03
CA TRP A 36 -14.55 -5.54 -14.41
C TRP A 36 -14.66 -7.07 -14.52
N SER A 37 -14.05 -7.78 -13.56
CA SER A 37 -14.04 -9.23 -13.53
C SER A 37 -15.46 -9.81 -13.47
N ILE A 38 -16.27 -9.24 -12.57
CA ILE A 38 -17.69 -9.56 -12.41
C ILE A 38 -18.45 -9.41 -13.72
N VAL A 39 -18.24 -8.28 -14.40
CA VAL A 39 -18.93 -8.05 -15.67
C VAL A 39 -18.41 -9.01 -16.76
N THR A 40 -17.13 -9.33 -16.70
CA THR A 40 -16.48 -10.02 -17.81
C THR A 40 -16.63 -11.55 -17.80
N PHE A 41 -16.60 -12.15 -16.62
CA PHE A 41 -16.53 -13.60 -16.53
C PHE A 41 -17.76 -14.29 -15.94
N PRO A 42 -18.41 -15.17 -16.73
CA PRO A 42 -19.37 -16.12 -16.17
C PRO A 42 -18.59 -17.18 -15.38
N HIS A 43 -19.28 -17.93 -14.52
CA HIS A 43 -18.65 -19.02 -13.76
C HIS A 43 -17.47 -18.49 -12.95
N LEU A 44 -17.70 -17.35 -12.32
CA LEU A 44 -16.69 -16.65 -11.56
C LEU A 44 -16.90 -16.91 -10.07
N PHE A 45 -15.86 -17.45 -9.43
CA PHE A 45 -15.92 -17.80 -8.02
C PHE A 45 -14.80 -17.04 -7.30
N GLN A 46 -14.88 -16.97 -5.98
CA GLN A 46 -13.73 -16.61 -5.18
C GLN A 46 -13.24 -17.87 -4.47
N THR A 47 -11.93 -18.03 -4.35
CA THR A 47 -11.36 -19.04 -3.46
C THR A 47 -10.75 -18.29 -2.29
N THR A 48 -10.94 -18.80 -1.07
CA THR A 48 -10.36 -18.17 0.11
C THR A 48 -10.05 -19.18 1.22
N ALA A 49 -9.04 -18.86 2.03
CA ALA A 49 -8.80 -19.55 3.28
C ALA A 49 -9.15 -18.62 4.45
N PHE A 50 -9.83 -17.52 4.13
CA PHE A 50 -10.19 -16.47 5.09
C PHE A 50 -8.98 -15.73 5.65
N GLY A 51 -7.93 -15.67 4.83
CA GLY A 51 -6.82 -14.79 5.06
C GLY A 51 -7.33 -13.37 4.94
N LEU A 52 -6.60 -12.45 5.53
CA LEU A 52 -7.01 -11.06 5.60
C LEU A 52 -7.27 -10.42 4.24
N THR A 53 -6.43 -10.76 3.26
CA THR A 53 -6.56 -10.23 1.90
C THR A 53 -7.89 -10.65 1.30
N GLY A 54 -8.23 -11.93 1.42
CA GLY A 54 -9.45 -12.46 0.83
C GLY A 54 -10.70 -11.95 1.52
N LEU A 55 -10.58 -11.66 2.81
CA LEU A 55 -11.68 -11.07 3.56
C LEU A 55 -12.01 -9.67 3.05
N VAL A 56 -10.98 -8.93 2.67
CA VAL A 56 -11.16 -7.63 2.02
C VAL A 56 -11.95 -7.80 0.71
N THR A 57 -11.53 -8.75 -0.12
CA THR A 57 -12.24 -9.05 -1.37
C THR A 57 -13.71 -9.42 -1.11
N ILE A 58 -13.99 -10.28 -0.12
CA ILE A 58 -15.37 -10.66 0.24
C ILE A 58 -16.20 -9.42 0.51
N ASP A 59 -15.65 -8.51 1.31
CA ASP A 59 -16.35 -7.30 1.69
C ASP A 59 -16.54 -6.37 0.50
N MET A 60 -15.52 -6.26 -0.34
CA MET A 60 -15.61 -5.47 -1.57
C MET A 60 -16.67 -6.02 -2.53
N LEU A 61 -16.71 -7.35 -2.68
CA LEU A 61 -17.71 -8.01 -3.52
C LEU A 61 -19.11 -7.81 -2.97
N SER A 62 -19.22 -7.83 -1.64
CA SER A 62 -20.48 -7.60 -0.94
C SER A 62 -21.04 -6.21 -1.25
N LYS A 63 -20.17 -5.20 -1.24
CA LYS A 63 -20.56 -3.83 -1.57
C LYS A 63 -20.96 -3.71 -3.05
N LEU A 64 -20.23 -4.43 -3.91
CA LEU A 64 -20.48 -4.43 -5.34
C LEU A 64 -21.70 -5.28 -5.75
N SER A 65 -22.12 -6.17 -4.85
CA SER A 65 -23.16 -7.15 -5.17
C SER A 65 -24.55 -6.53 -5.30
N GLU A 66 -24.74 -5.35 -4.72
CA GLU A 66 -26.01 -4.62 -4.81
C GLU A 66 -26.29 -4.20 -6.26
N LYS A 67 -25.25 -3.70 -6.93
CA LYS A 67 -25.32 -3.33 -8.34
C LYS A 67 -25.26 -4.55 -9.25
N TYR A 68 -24.32 -5.47 -8.96
CA TYR A 68 -24.08 -6.67 -9.78
C TYR A 68 -24.66 -7.96 -9.17
N TYR A 69 -23.77 -8.89 -8.79
CA TYR A 69 -24.16 -10.14 -8.11
C TYR A 69 -23.02 -10.53 -7.15
N MET A 70 -23.31 -11.46 -6.25
CA MET A 70 -22.27 -11.99 -5.36
C MET A 70 -21.68 -13.30 -5.91
N PRO A 71 -20.43 -13.26 -6.38
CA PRO A 71 -19.77 -14.49 -6.82
C PRO A 71 -19.66 -15.47 -5.66
N GLU A 72 -19.95 -16.75 -5.94
CA GLU A 72 -19.95 -17.78 -4.91
C GLU A 72 -18.54 -18.00 -4.34
N LEU A 73 -18.46 -18.50 -3.12
CA LEU A 73 -17.19 -18.71 -2.43
C LEU A 73 -16.83 -20.18 -2.31
N LEU A 74 -15.57 -20.49 -2.61
CA LEU A 74 -15.03 -21.84 -2.45
C LEU A 74 -13.94 -21.83 -1.37
N PHE A 75 -14.09 -22.72 -0.39
CA PHE A 75 -13.13 -22.89 0.68
C PHE A 75 -12.70 -24.35 0.71
N ILE A 76 -11.39 -24.58 0.73
CA ILE A 76 -10.89 -25.95 0.84
C ILE A 76 -10.65 -26.25 2.32
N ASP A 77 -11.40 -27.22 2.84
CA ASP A 77 -11.16 -27.70 4.20
C ASP A 77 -10.14 -28.83 4.17
N THR A 78 -8.89 -28.49 4.50
CA THR A 78 -7.76 -29.45 4.49
C THR A 78 -7.88 -30.50 5.57
N LEU A 79 -8.85 -30.30 6.45
CA LEU A 79 -9.08 -31.11 7.67
C LEU A 79 -8.06 -30.87 8.77
N HIS A 80 -7.21 -29.87 8.58
CA HIS A 80 -6.09 -29.58 9.48
C HIS A 80 -6.01 -28.09 9.78
N HIS A 81 -7.14 -27.41 9.60
CA HIS A 81 -7.24 -25.99 9.92
C HIS A 81 -7.21 -25.73 11.41
N PHE A 82 -6.89 -24.50 11.81
CA PHE A 82 -7.16 -24.07 13.17
C PHE A 82 -8.68 -23.94 13.29
N PRO A 83 -9.26 -24.36 14.43
CA PRO A 83 -10.69 -24.13 14.68
C PRO A 83 -11.13 -22.69 14.44
N GLN A 84 -10.24 -21.74 14.75
CA GLN A 84 -10.49 -20.30 14.62
C GLN A 84 -10.76 -19.88 13.17
N THR A 85 -10.05 -20.49 12.22
CA THR A 85 -10.35 -20.35 10.79
C THR A 85 -11.77 -20.80 10.47
N LEU A 86 -12.19 -21.91 11.06
CA LEU A 86 -13.51 -22.50 10.80
C LEU A 86 -14.66 -21.72 11.40
N THR A 87 -14.46 -21.15 12.58
CA THR A 87 -15.47 -20.31 13.20
C THR A 87 -15.62 -18.98 12.42
N LEU A 88 -14.50 -18.47 11.94
CA LEU A 88 -14.51 -17.28 11.08
C LEU A 88 -15.31 -17.54 9.80
N LYS A 89 -15.12 -18.70 9.20
CA LYS A 89 -15.96 -19.17 8.09
C LYS A 89 -17.47 -19.05 8.39
N ASN A 90 -17.89 -19.56 9.55
CA ASN A 90 -19.31 -19.50 9.95
C ASN A 90 -19.78 -18.06 10.07
N GLU A 91 -18.96 -17.24 10.72
CA GLU A 91 -19.16 -15.79 10.84
C GLU A 91 -19.31 -15.10 9.48
N ILE A 92 -18.45 -15.48 8.55
CA ILE A 92 -18.47 -14.94 7.19
C ILE A 92 -19.69 -15.42 6.39
N GLU A 93 -20.04 -16.70 6.53
CA GLU A 93 -21.24 -17.24 5.90
C GLU A 93 -22.49 -16.51 6.39
N LYS A 94 -22.61 -16.34 7.71
CA LYS A 94 -23.73 -15.62 8.32
C LYS A 94 -23.83 -14.18 7.83
N LYS A 95 -22.71 -13.47 7.83
CA LYS A 95 -22.70 -12.03 7.50
C LYS A 95 -22.91 -11.76 6.01
N TYR A 96 -22.19 -12.49 5.15
CA TYR A 96 -22.10 -12.13 3.74
C TYR A 96 -22.85 -13.04 2.77
N TYR A 97 -23.09 -14.29 3.15
CA TYR A 97 -23.63 -15.25 2.19
C TYR A 97 -25.07 -15.68 2.45
N GLN A 98 -25.40 -15.96 3.71
CA GLN A 98 -26.77 -16.29 4.12
C GLN A 98 -27.81 -15.24 3.67
N PRO A 99 -27.54 -13.94 3.90
CA PRO A 99 -28.45 -12.89 3.43
C PRO A 99 -28.73 -12.92 1.93
N LYS A 100 -27.78 -13.43 1.15
CA LYS A 100 -27.90 -13.50 -0.31
C LYS A 100 -28.33 -14.89 -0.80
N ASN A 101 -28.91 -15.67 0.11
CA ASN A 101 -29.38 -17.05 -0.14
C ASN A 101 -28.27 -17.99 -0.66
N GLN A 102 -27.06 -17.80 -0.14
CA GLN A 102 -25.92 -18.62 -0.53
C GLN A 102 -25.34 -19.35 0.65
N THR A 103 -24.66 -20.45 0.36
CA THR A 103 -23.76 -21.07 1.32
C THR A 103 -22.36 -21.12 0.71
N ILE A 104 -21.35 -21.05 1.57
CA ILE A 104 -19.96 -21.23 1.16
C ILE A 104 -19.77 -22.69 0.72
N HIS A 105 -19.15 -22.89 -0.44
CA HIS A 105 -18.87 -24.25 -0.91
C HIS A 105 -17.64 -24.75 -0.18
N VAL A 106 -17.75 -25.90 0.46
CA VAL A 106 -16.63 -26.46 1.21
C VAL A 106 -16.24 -27.78 0.58
N TYR A 107 -14.98 -27.89 0.17
CA TYR A 107 -14.44 -29.13 -0.38
C TYR A 107 -13.34 -29.73 0.51
N LYS A 108 -13.40 -31.04 0.69
CA LYS A 108 -12.54 -31.78 1.59
C LYS A 108 -11.74 -32.85 0.83
N PRO A 109 -10.61 -33.31 1.40
CA PRO A 109 -9.90 -34.45 0.81
C PRO A 109 -10.84 -35.63 0.57
N ASP A 110 -10.72 -36.23 -0.60
CA ASP A 110 -11.61 -37.30 -1.05
C ASP A 110 -11.72 -38.42 -0.02
N GLY A 111 -12.96 -38.77 0.33
CA GLY A 111 -13.24 -39.88 1.24
C GLY A 111 -12.96 -39.63 2.72
N CYS A 112 -12.54 -38.41 3.06
CA CYS A 112 -12.21 -38.03 4.43
C CYS A 112 -13.14 -36.94 4.96
N GLU A 113 -13.58 -37.10 6.20
CA GLU A 113 -14.37 -36.05 6.85
C GLU A 113 -13.67 -35.48 8.08
N SER A 114 -12.52 -36.05 8.44
CA SER A 114 -11.77 -35.62 9.61
C SER A 114 -10.27 -35.87 9.44
N GLU A 115 -9.48 -35.25 10.32
CA GLU A 115 -8.05 -35.45 10.41
C GLU A 115 -7.70 -36.92 10.69
N ALA A 116 -8.45 -37.58 11.57
CA ALA A 116 -8.26 -39.01 11.83
C ALA A 116 -8.55 -39.89 10.61
N ASP A 117 -9.59 -39.55 9.84
CA ASP A 117 -9.84 -40.21 8.56
C ASP A 117 -8.61 -40.11 7.64
N PHE A 118 -8.05 -38.90 7.56
CA PHE A 118 -6.88 -38.61 6.73
C PHE A 118 -5.66 -39.42 7.15
N ALA A 119 -5.40 -39.47 8.47
CA ALA A 119 -4.26 -40.20 9.01
C ALA A 119 -4.47 -41.71 8.86
N SER A 120 -5.73 -42.15 8.94
CA SER A 120 -6.08 -43.54 8.68
C SER A 120 -5.74 -43.93 7.23
N LYS A 121 -6.09 -43.05 6.29
CA LYS A 121 -5.86 -43.31 4.87
C LYS A 121 -4.40 -43.23 4.43
N TYR A 122 -3.63 -42.31 5.01
CA TYR A 122 -2.33 -41.95 4.46
C TYR A 122 -1.18 -41.98 5.48
N GLY A 123 -1.51 -42.33 6.73
CA GLY A 123 -0.52 -42.41 7.79
C GLY A 123 -0.49 -41.17 8.65
N ASP A 124 0.00 -41.31 9.88
CA ASP A 124 0.17 -40.18 10.81
C ASP A 124 1.24 -39.22 10.31
N PHE A 125 1.05 -37.93 10.64
CA PHE A 125 2.04 -36.88 10.39
C PHE A 125 2.52 -36.75 8.94
N LEU A 126 1.63 -36.94 7.97
CA LEU A 126 2.04 -36.95 6.56
C LEU A 126 2.77 -35.67 6.12
N TRP A 127 2.32 -34.53 6.64
CA TRP A 127 2.96 -33.25 6.35
C TRP A 127 4.44 -33.17 6.77
N GLU A 128 4.86 -34.09 7.64
CA GLU A 128 6.27 -34.19 8.06
C GLU A 128 7.02 -35.15 7.13
N LYS A 129 6.37 -36.26 6.80
CA LYS A 129 7.00 -37.38 6.07
C LYS A 129 7.08 -37.14 4.58
N ASP A 130 6.00 -36.65 3.98
CA ASP A 130 5.98 -36.32 2.55
C ASP A 130 5.14 -35.08 2.28
N ASP A 131 5.79 -33.91 2.31
CA ASP A 131 5.08 -32.62 2.17
C ASP A 131 4.36 -32.48 0.82
N ASP A 132 4.98 -33.00 -0.23
CA ASP A 132 4.37 -33.01 -1.57
C ASP A 132 3.08 -33.81 -1.62
N LYS A 133 3.14 -35.08 -1.19
CA LYS A 133 1.96 -35.93 -1.18
C LYS A 133 0.87 -35.35 -0.29
N TYR A 134 1.26 -34.79 0.86
CA TYR A 134 0.31 -34.15 1.76
C TYR A 134 -0.36 -32.96 1.07
N ASP A 135 0.45 -32.13 0.44
CA ASP A 135 -0.02 -30.94 -0.27
C ASP A 135 -1.07 -31.31 -1.31
N TYR A 136 -0.80 -32.38 -2.06
CA TYR A 136 -1.71 -32.86 -3.10
C TYR A 136 -3.04 -33.39 -2.53
N LEU A 137 -2.98 -34.16 -1.46
CA LEU A 137 -4.16 -34.82 -0.92
C LEU A 137 -5.02 -33.88 -0.07
N ALA A 138 -4.36 -32.94 0.62
CA ALA A 138 -5.03 -31.99 1.53
C ALA A 138 -5.67 -30.79 0.82
N LYS A 139 -5.06 -30.32 -0.26
CA LYS A 139 -5.49 -29.07 -0.87
C LYS A 139 -5.63 -29.10 -2.41
N VAL A 140 -4.63 -29.62 -3.10
CA VAL A 140 -4.60 -29.61 -4.58
C VAL A 140 -5.72 -30.45 -5.19
N GLU A 141 -5.85 -31.69 -4.74
CA GLU A 141 -6.91 -32.58 -5.23
C GLU A 141 -8.32 -32.05 -4.94
N PRO A 142 -8.62 -31.65 -3.68
CA PRO A 142 -9.96 -31.09 -3.39
C PRO A 142 -10.31 -29.87 -4.22
N ALA A 143 -9.34 -28.94 -4.39
CA ALA A 143 -9.52 -27.74 -5.20
C ALA A 143 -9.82 -28.07 -6.65
N HIS A 144 -9.09 -29.04 -7.20
CA HIS A 144 -9.23 -29.47 -8.60
C HIS A 144 -10.57 -30.13 -8.87
N ARG A 145 -11.02 -30.93 -7.90
CA ARG A 145 -12.32 -31.57 -7.95
C ARG A 145 -13.41 -30.51 -7.91
N ALA A 146 -13.22 -29.49 -7.07
CA ALA A 146 -14.14 -28.36 -6.94
C ALA A 146 -14.30 -27.55 -8.24
N TYR A 147 -13.19 -27.17 -8.87
CA TYR A 147 -13.23 -26.40 -10.10
C TYR A 147 -14.03 -27.13 -11.16
N LYS A 148 -13.87 -28.45 -11.21
CA LYS A 148 -14.50 -29.28 -12.21
C LYS A 148 -15.98 -29.51 -11.93
N GLU A 149 -16.31 -29.81 -10.67
CA GLU A 149 -17.68 -30.12 -10.28
C GLU A 149 -18.56 -28.87 -10.20
N LEU A 150 -17.97 -27.76 -9.75
CA LEU A 150 -18.71 -26.51 -9.65
C LEU A 150 -18.69 -25.69 -10.95
N HIS A 151 -18.02 -26.23 -11.97
CA HIS A 151 -17.88 -25.59 -13.28
C HIS A 151 -17.32 -24.17 -13.17
N ILE A 152 -16.14 -24.07 -12.57
CA ILE A 152 -15.48 -22.81 -12.33
C ILE A 152 -14.57 -22.51 -13.52
N SER A 153 -14.71 -21.30 -14.08
CA SER A 153 -13.87 -20.86 -15.21
C SER A 153 -12.84 -19.82 -14.75
N ALA A 154 -13.18 -19.08 -13.68
CA ALA A 154 -12.35 -17.98 -13.20
C ALA A 154 -12.52 -17.83 -11.69
N VAL A 155 -11.42 -17.50 -11.00
CA VAL A 155 -11.45 -17.32 -9.54
C VAL A 155 -10.67 -16.07 -9.10
N PHE A 156 -11.18 -15.36 -8.10
CA PHE A 156 -10.38 -14.41 -7.34
C PHE A 156 -9.50 -15.18 -6.35
N THR A 157 -8.23 -14.79 -6.25
CA THR A 157 -7.36 -15.28 -5.17
C THR A 157 -6.90 -14.14 -4.29
N GLY A 158 -6.53 -14.47 -3.05
CA GLY A 158 -6.05 -13.45 -2.12
C GLY A 158 -4.55 -13.24 -2.08
N ARG A 159 -3.88 -13.45 -3.21
CA ARG A 159 -2.42 -13.31 -3.29
C ARG A 159 -1.99 -11.90 -3.65
N ARG A 160 -0.86 -11.46 -3.08
CA ARG A 160 -0.35 -10.10 -3.33
C ARG A 160 1.16 -10.12 -3.54
N LYS A 161 1.62 -9.18 -4.36
CA LYS A 161 3.05 -8.99 -4.63
C LYS A 161 3.85 -8.79 -3.34
N SER A 162 3.36 -7.94 -2.45
CA SER A 162 4.05 -7.63 -1.20
C SER A 162 4.18 -8.81 -0.23
N GLN A 163 3.55 -9.93 -0.56
CA GLN A 163 3.70 -11.16 0.23
C GLN A 163 5.05 -11.82 -0.05
N GLY A 164 5.72 -11.34 -1.10
CA GLY A 164 7.10 -11.72 -1.38
C GLY A 164 7.25 -13.09 -2.00
N SER A 165 8.49 -13.60 -1.95
CA SER A 165 8.87 -14.85 -2.61
C SER A 165 8.34 -14.92 -4.05
N ALA A 166 7.82 -16.09 -4.45
CA ALA A 166 7.28 -16.29 -5.80
C ALA A 166 6.13 -15.35 -6.17
N ARG A 167 5.49 -14.75 -5.19
CA ARG A 167 4.31 -13.89 -5.42
C ARG A 167 4.63 -12.45 -5.86
N SER A 168 5.91 -12.06 -5.79
CA SER A 168 6.32 -10.76 -6.33
C SER A 168 6.30 -10.80 -7.86
N GLN A 169 6.29 -12.01 -8.41
CA GLN A 169 6.21 -12.24 -9.86
C GLN A 169 4.77 -12.43 -10.34
N LEU A 170 3.82 -11.88 -9.59
CA LEU A 170 2.40 -12.07 -9.89
C LEU A 170 1.87 -11.08 -10.93
N SER A 171 0.94 -11.53 -11.76
CA SER A 171 0.19 -10.67 -12.68
C SER A 171 -1.27 -10.55 -12.22
N ILE A 172 -1.97 -9.51 -12.66
CA ILE A 172 -3.39 -9.34 -12.29
C ILE A 172 -4.21 -10.57 -12.75
N ILE A 173 -4.00 -10.99 -14.01
CA ILE A 173 -4.67 -12.16 -14.56
C ILE A 173 -3.68 -13.24 -14.96
N GLU A 174 -4.01 -14.48 -14.58
CA GLU A 174 -3.20 -15.66 -14.88
C GLU A 174 -4.09 -16.79 -15.39
N ILE A 175 -3.46 -17.75 -16.08
CA ILE A 175 -4.17 -18.96 -16.50
C ILE A 175 -3.53 -20.19 -15.88
N ASP A 176 -4.35 -20.97 -15.19
CA ASP A 176 -4.01 -22.31 -14.73
C ASP A 176 -4.77 -23.33 -15.60
N GLU A 177 -4.15 -23.72 -16.71
CA GLU A 177 -4.80 -24.58 -17.71
C GLU A 177 -5.00 -26.01 -17.20
N LEU A 178 -4.12 -26.46 -16.31
CA LEU A 178 -4.22 -27.78 -15.72
C LEU A 178 -5.50 -27.92 -14.89
N ASN A 179 -5.87 -26.84 -14.21
CA ASN A 179 -7.13 -26.79 -13.46
C ASN A 179 -8.31 -26.28 -14.30
N GLY A 180 -8.03 -25.80 -15.51
CA GLY A 180 -9.05 -25.22 -16.39
C GLY A 180 -9.64 -23.91 -15.90
N ILE A 181 -8.83 -23.13 -15.19
CA ILE A 181 -9.29 -21.87 -14.60
C ILE A 181 -8.39 -20.67 -14.94
N LEU A 182 -9.03 -19.50 -14.93
CA LEU A 182 -8.35 -18.23 -14.98
C LEU A 182 -8.34 -17.70 -13.53
N LYS A 183 -7.21 -17.11 -13.12
CA LYS A 183 -7.11 -16.56 -11.78
C LYS A 183 -6.95 -15.05 -11.84
N ILE A 184 -7.66 -14.34 -10.96
CA ILE A 184 -7.59 -12.90 -10.88
C ILE A 184 -7.10 -12.56 -9.49
N ASN A 185 -6.08 -11.69 -9.42
CA ASN A 185 -5.47 -11.31 -8.15
C ASN A 185 -5.68 -9.81 -7.93
N PRO A 186 -6.90 -9.42 -7.50
CA PRO A 186 -7.27 -8.00 -7.55
C PRO A 186 -6.57 -7.10 -6.54
N LEU A 187 -6.00 -7.72 -5.50
CA LEU A 187 -5.23 -6.97 -4.50
C LEU A 187 -3.72 -7.21 -4.64
N ILE A 188 -3.30 -7.60 -5.84
CA ILE A 188 -1.88 -7.77 -6.21
C ILE A 188 -0.97 -6.62 -5.77
N ASN A 189 -1.47 -5.40 -5.87
CA ASN A 189 -0.69 -4.20 -5.59
C ASN A 189 -0.91 -3.60 -4.20
N TRP A 190 -1.66 -4.32 -3.37
CA TRP A 190 -1.93 -3.86 -2.01
C TRP A 190 -0.92 -4.38 -1.02
N THR A 191 -0.45 -3.49 -0.15
CA THR A 191 0.43 -3.83 0.95
C THR A 191 -0.43 -4.37 2.10
N PHE A 192 0.23 -4.93 3.11
CA PHE A 192 -0.49 -5.47 4.27
C PHE A 192 -1.10 -4.34 5.09
N GLU A 193 -0.40 -3.21 5.13
CA GLU A 193 -0.93 -1.99 5.76
C GLU A 193 -2.29 -1.62 5.14
N GLN A 194 -2.38 -1.68 3.82
CA GLN A 194 -3.64 -1.37 3.11
C GLN A 194 -4.74 -2.38 3.44
N VAL A 195 -4.38 -3.65 3.47
CA VAL A 195 -5.33 -4.73 3.81
C VAL A 195 -5.93 -4.53 5.20
N LYS A 196 -5.06 -4.32 6.20
CA LYS A 196 -5.48 -4.11 7.60
C LYS A 196 -6.30 -2.84 7.77
N GLN A 197 -5.88 -1.76 7.13
CA GLN A 197 -6.62 -0.50 7.10
C GLN A 197 -8.06 -0.73 6.64
N TYR A 198 -8.23 -1.45 5.53
CA TYR A 198 -9.58 -1.76 5.02
C TYR A 198 -10.40 -2.62 5.99
N ILE A 199 -9.79 -3.68 6.52
CA ILE A 199 -10.45 -4.54 7.51
C ILE A 199 -11.00 -3.69 8.67
N ASP A 200 -10.16 -2.82 9.21
CA ASP A 200 -10.51 -1.96 10.35
C ASP A 200 -11.59 -0.93 10.01
N ALA A 201 -11.44 -0.25 8.88
CA ALA A 201 -12.40 0.79 8.45
C ALA A 201 -13.81 0.24 8.18
N ASN A 202 -13.88 -0.99 7.68
CA ASN A 202 -15.15 -1.60 7.30
C ASN A 202 -15.67 -2.68 8.27
N ASN A 203 -14.98 -2.84 9.40
CA ASN A 203 -15.36 -3.80 10.44
C ASN A 203 -15.68 -5.20 9.92
N VAL A 204 -14.83 -5.71 9.05
CA VAL A 204 -15.01 -7.08 8.54
C VAL A 204 -14.42 -8.08 9.55
N PRO A 205 -15.15 -9.18 9.81
CA PRO A 205 -14.63 -10.15 10.78
C PRO A 205 -13.33 -10.75 10.27
N TYR A 206 -12.41 -11.00 11.19
CA TYR A 206 -11.12 -11.58 10.84
C TYR A 206 -10.75 -12.65 11.87
N ASN A 207 -9.75 -13.47 11.55
CA ASN A 207 -9.37 -14.58 12.40
C ASN A 207 -8.77 -14.12 13.72
N GLU A 208 -9.26 -14.68 14.83
CA GLU A 208 -8.82 -14.31 16.18
C GLU A 208 -7.32 -14.47 16.33
N LEU A 209 -6.76 -15.43 15.61
CA LEU A 209 -5.32 -15.70 15.68
C LEU A 209 -4.46 -14.52 15.23
N LEU A 210 -5.05 -13.58 14.51
CA LEU A 210 -4.35 -12.36 14.08
C LEU A 210 -4.00 -11.49 15.30
N ASP A 211 -4.92 -11.47 16.28
CA ASP A 211 -4.72 -10.79 17.56
C ASP A 211 -3.71 -11.51 18.45
N LEU A 212 -3.21 -12.65 17.98
CA LEU A 212 -2.22 -13.42 18.71
C LEU A 212 -0.91 -13.58 17.92
N GLY A 213 -0.80 -12.86 16.81
CA GLY A 213 0.45 -12.81 16.02
C GLY A 213 0.36 -13.42 14.62
N TYR A 214 -0.67 -14.20 14.36
CA TYR A 214 -0.79 -14.91 13.10
C TYR A 214 -1.22 -14.00 11.93
N ARG A 215 -0.22 -13.35 11.34
CA ARG A 215 -0.43 -12.52 10.14
C ARG A 215 -0.72 -13.35 8.90
N SER A 216 -0.31 -14.61 8.92
CA SER A 216 -0.63 -15.58 7.87
C SER A 216 -0.98 -16.93 8.51
N ILE A 217 -2.12 -17.49 8.10
CA ILE A 217 -2.65 -18.70 8.73
C ILE A 217 -2.86 -19.86 7.75
N GLY A 218 -2.17 -20.98 8.01
CA GLY A 218 -2.41 -22.22 7.29
C GLY A 218 -2.93 -23.31 8.19
N ASP A 219 -2.31 -24.48 8.13
CA ASP A 219 -2.74 -25.62 8.96
C ASP A 219 -2.22 -25.49 10.39
N TYR A 220 -2.96 -26.04 11.36
CA TYR A 220 -2.59 -25.93 12.78
C TYR A 220 -1.18 -26.44 13.03
N HIS A 221 -0.78 -27.47 12.28
CA HIS A 221 0.51 -28.13 12.49
C HIS A 221 1.69 -27.47 11.80
N SER A 222 1.42 -26.54 10.89
CA SER A 222 2.49 -25.92 10.10
C SER A 222 2.45 -24.40 10.09
N THR A 223 1.85 -23.81 11.13
CA THR A 223 1.70 -22.36 11.22
C THR A 223 2.15 -21.86 12.59
N GLN A 224 2.95 -20.80 12.59
CA GLN A 224 3.45 -20.19 13.83
C GLN A 224 3.20 -18.67 13.79
N PRO A 225 3.13 -18.02 14.97
CA PRO A 225 2.94 -16.57 14.97
C PRO A 225 4.19 -15.81 14.50
N VAL A 226 4.00 -14.56 14.06
CA VAL A 226 5.10 -13.69 13.64
C VAL A 226 5.01 -12.28 14.23
N LYS A 227 6.18 -11.71 14.54
CA LYS A 227 6.26 -10.34 15.02
C LYS A 227 6.18 -9.35 13.85
N GLU A 228 5.85 -8.10 14.18
CA GLU A 228 5.60 -7.04 13.19
C GLU A 228 6.75 -6.72 12.22
N GLY A 229 7.94 -7.25 12.51
CA GLY A 229 9.11 -6.99 11.67
C GLY A 229 9.39 -8.05 10.61
N GLU A 230 8.99 -9.28 10.89
CA GLU A 230 9.23 -10.44 10.01
C GLU A 230 8.33 -10.44 8.77
N ASP A 231 8.74 -11.22 7.76
CA ASP A 231 7.93 -11.43 6.56
C ASP A 231 6.52 -11.93 6.93
N GLU A 232 5.52 -11.42 6.21
CA GLU A 232 4.12 -11.76 6.40
C GLU A 232 3.86 -13.26 6.58
N ARG A 233 4.51 -14.07 5.75
CA ARG A 233 4.31 -15.52 5.74
C ARG A 233 5.45 -16.34 6.37
N ALA A 234 6.31 -15.67 7.16
CA ALA A 234 7.44 -16.33 7.84
C ALA A 234 7.02 -17.44 8.82
N GLY A 235 5.82 -17.34 9.37
CA GLY A 235 5.27 -18.38 10.24
C GLY A 235 4.72 -19.58 9.48
N ARG A 236 4.69 -19.48 8.15
CA ARG A 236 4.24 -20.59 7.28
C ARG A 236 5.42 -21.48 6.85
N TRP A 237 6.62 -20.91 6.83
CA TRP A 237 7.80 -21.63 6.37
C TRP A 237 8.37 -22.55 7.45
N THR A 243 8.77 -21.91 -0.45
CA THR A 243 8.02 -22.78 -1.35
C THR A 243 6.55 -22.33 -1.48
N GLU A 244 6.13 -22.09 -2.72
CA GLU A 244 4.75 -21.71 -3.04
C GLU A 244 3.79 -22.86 -2.77
N CYS A 245 2.64 -22.52 -2.19
CA CYS A 245 1.56 -23.48 -1.91
C CYS A 245 1.10 -24.19 -3.20
N GLY A 246 0.87 -25.49 -3.10
CA GLY A 246 0.61 -26.36 -4.26
C GLY A 246 -0.56 -25.99 -5.16
N ILE A 247 -1.58 -25.35 -4.58
CA ILE A 247 -2.76 -24.93 -5.34
C ILE A 247 -2.49 -23.88 -6.43
N HIS A 248 -1.41 -23.11 -6.25
CA HIS A 248 -1.01 -22.10 -7.23
C HIS A 248 0.06 -22.64 -8.18
N GLU A 249 0.90 -23.53 -7.66
CA GLU A 249 1.92 -24.22 -8.44
C GLU A 249 1.46 -25.65 -8.71
N ALA A 250 0.64 -25.81 -9.75
CA ALA A 250 -0.07 -27.07 -9.99
C ALA A 250 0.72 -28.08 -10.83
N SER A 251 1.70 -27.58 -11.59
CA SER A 251 2.45 -28.39 -12.55
C SER A 251 3.27 -29.54 -11.93
N ARG A 252 3.62 -29.39 -10.65
CA ARG A 252 4.33 -30.46 -9.93
C ARG A 252 3.43 -31.65 -9.55
N PHE A 253 2.12 -31.47 -9.72
CA PHE A 253 1.14 -32.54 -9.51
C PHE A 253 0.34 -32.84 -10.78
N ALA A 254 0.97 -32.64 -11.94
CA ALA A 254 0.33 -32.85 -13.25
C ALA A 254 0.16 -34.32 -13.60
N GLN A 255 0.91 -35.18 -12.89
CA GLN A 255 0.79 -36.63 -13.04
C GLN A 255 -0.51 -37.13 -12.42
N PHE A 256 -0.78 -36.70 -11.18
CA PHE A 256 -1.96 -37.12 -10.44
C PHE A 256 -3.06 -36.06 -10.52
N MET B 1 -22.19 -26.44 -26.32
CA MET B 1 -22.90 -25.14 -26.46
C MET B 1 -22.41 -24.38 -27.69
N LYS B 2 -23.12 -23.33 -28.06
CA LYS B 2 -22.74 -22.49 -29.20
C LYS B 2 -21.50 -21.64 -28.89
N THR B 3 -20.48 -21.76 -29.74
CA THR B 3 -19.26 -20.95 -29.69
C THR B 3 -19.09 -20.20 -31.01
N TYR B 4 -18.64 -18.96 -30.92
CA TYR B 4 -18.45 -18.10 -32.09
C TYR B 4 -16.96 -17.89 -32.36
N HIS B 5 -16.56 -18.03 -33.62
CA HIS B 5 -15.19 -17.82 -34.04
C HIS B 5 -14.98 -16.43 -34.63
N LEU B 6 -14.22 -15.59 -33.93
CA LEU B 6 -13.93 -14.23 -34.38
C LEU B 6 -12.55 -14.18 -35.03
N ASN B 7 -12.23 -13.03 -35.65
CA ASN B 7 -10.88 -12.79 -36.14
C ASN B 7 -9.88 -12.77 -34.98
N ASN B 8 -8.62 -13.08 -35.32
CA ASN B 8 -7.52 -13.17 -34.35
C ASN B 8 -7.62 -14.39 -33.43
N ASP B 9 -8.24 -15.45 -33.94
CA ASP B 9 -8.37 -16.73 -33.21
C ASP B 9 -9.18 -16.61 -31.91
N ILE B 10 -9.90 -15.50 -31.77
CA ILE B 10 -10.72 -15.26 -30.59
C ILE B 10 -12.01 -16.08 -30.65
N ILE B 11 -12.38 -16.64 -29.50
CA ILE B 11 -13.56 -17.49 -29.40
C ILE B 11 -14.47 -17.04 -28.25
N VAL B 12 -15.75 -16.87 -28.56
CA VAL B 12 -16.74 -16.46 -27.57
C VAL B 12 -17.81 -17.54 -27.47
N THR B 13 -18.09 -17.99 -26.25
CA THR B 13 -19.20 -18.92 -26.04
C THR B 13 -20.50 -18.14 -25.86
N GLN B 14 -21.63 -18.82 -26.04
CA GLN B 14 -22.95 -18.23 -25.84
C GLN B 14 -23.12 -17.74 -24.39
N GLU B 15 -22.55 -18.50 -23.45
CA GLU B 15 -22.58 -18.15 -22.02
C GLU B 15 -21.85 -16.84 -21.73
N GLN B 16 -20.74 -16.62 -22.41
CA GLN B 16 -20.01 -15.35 -22.34
C GLN B 16 -20.83 -14.20 -22.92
N LEU B 17 -21.40 -14.43 -24.10
CA LEU B 17 -22.23 -13.43 -24.77
C LEU B 17 -23.42 -13.06 -23.88
N ASP B 18 -24.13 -14.08 -23.38
CA ASP B 18 -25.28 -13.87 -22.50
C ASP B 18 -24.91 -13.20 -21.19
N HIS B 19 -23.76 -13.55 -20.64
CA HIS B 19 -23.29 -12.94 -19.39
C HIS B 19 -23.00 -11.46 -19.57
N TRP B 20 -22.32 -11.11 -20.65
CA TRP B 20 -22.01 -9.71 -20.95
C TRP B 20 -23.28 -8.87 -21.10
N ASN B 21 -24.21 -9.33 -21.91
CA ASN B 21 -25.50 -8.65 -22.09
C ASN B 21 -26.29 -8.49 -20.79
N GLU B 22 -26.20 -9.49 -19.92
CA GLU B 22 -26.89 -9.45 -18.62
C GLU B 22 -26.28 -8.46 -17.63
N GLN B 23 -24.96 -8.38 -17.60
CA GLN B 23 -24.25 -7.49 -16.67
C GLN B 23 -24.14 -6.04 -17.18
N LEU B 24 -23.92 -5.87 -18.49
CA LEU B 24 -23.75 -4.53 -19.06
C LEU B 24 -25.00 -3.66 -18.97
N ILE B 25 -26.18 -4.28 -18.90
CA ILE B 25 -27.45 -3.60 -18.64
C ILE B 25 -27.43 -2.85 -17.29
N LYS B 26 -26.62 -3.33 -16.35
CA LYS B 26 -26.56 -2.73 -15.01
C LYS B 26 -25.73 -1.45 -14.96
N LEU B 27 -24.93 -1.20 -16.01
CA LEU B 27 -24.11 0.01 -16.12
C LEU B 27 -24.99 1.21 -16.43
N GLU B 28 -24.58 2.37 -15.93
CA GLU B 28 -25.44 3.56 -15.90
C GLU B 28 -25.19 4.51 -17.06
N THR B 29 -23.97 4.50 -17.60
CA THR B 29 -23.58 5.41 -18.67
C THR B 29 -22.99 4.65 -19.87
N PRO B 30 -23.16 5.20 -21.09
CA PRO B 30 -22.46 4.69 -22.27
C PRO B 30 -20.95 4.66 -22.08
N GLN B 31 -20.40 5.64 -21.36
CA GLN B 31 -18.96 5.71 -21.09
C GLN B 31 -18.45 4.47 -20.34
N GLU B 32 -19.25 3.97 -19.40
CA GLU B 32 -18.88 2.76 -18.65
C GLU B 32 -18.85 1.53 -19.55
N ILE B 33 -19.84 1.40 -20.43
CA ILE B 33 -19.84 0.33 -21.42
C ILE B 33 -18.62 0.45 -22.32
N ILE B 34 -18.27 1.68 -22.68
CA ILE B 34 -17.13 1.94 -23.56
C ILE B 34 -15.82 1.59 -22.85
N ALA B 35 -15.66 2.06 -21.62
CA ALA B 35 -14.48 1.76 -20.80
C ALA B 35 -14.26 0.25 -20.65
N TRP B 36 -15.33 -0.47 -20.34
CA TRP B 36 -15.28 -1.93 -20.23
C TRP B 36 -14.80 -2.60 -21.52
N SER B 37 -15.36 -2.20 -22.65
CA SER B 37 -14.99 -2.75 -23.97
C SER B 37 -13.51 -2.55 -24.29
N ILE B 38 -13.01 -1.35 -24.03
CA ILE B 38 -11.59 -1.00 -24.18
C ILE B 38 -10.68 -1.96 -23.40
N VAL B 39 -11.03 -2.18 -22.13
CA VAL B 39 -10.25 -3.06 -21.26
C VAL B 39 -10.36 -4.52 -21.71
N THR B 40 -11.54 -4.90 -22.20
CA THR B 40 -11.86 -6.30 -22.48
C THR B 40 -11.35 -6.81 -23.84
N PHE B 41 -11.49 -6.01 -24.89
CA PHE B 41 -11.19 -6.52 -26.23
C PHE B 41 -9.98 -5.89 -26.88
N PRO B 42 -9.01 -6.73 -27.31
CA PRO B 42 -7.97 -6.26 -28.21
C PRO B 42 -8.58 -6.12 -29.59
N HIS B 43 -7.86 -5.46 -30.51
CA HIS B 43 -8.32 -5.28 -31.89
C HIS B 43 -9.72 -4.66 -31.94
N LEU B 44 -9.92 -3.66 -31.09
CA LEU B 44 -11.16 -2.92 -30.98
C LEU B 44 -11.10 -1.65 -31.83
N PHE B 45 -12.08 -1.50 -32.72
CA PHE B 45 -12.21 -0.31 -33.57
C PHE B 45 -13.61 0.31 -33.35
N GLN B 46 -13.84 1.44 -33.98
CA GLN B 46 -15.19 1.99 -34.10
C GLN B 46 -15.50 2.12 -35.57
N THR B 47 -16.68 1.66 -35.99
CA THR B 47 -17.20 1.93 -37.33
C THR B 47 -18.18 3.09 -37.27
N THR B 48 -18.07 4.02 -38.22
CA THR B 48 -19.01 5.14 -38.27
C THR B 48 -19.34 5.55 -39.72
N ALA B 49 -20.59 5.94 -39.95
CA ALA B 49 -20.93 6.68 -41.17
C ALA B 49 -21.05 8.15 -40.84
N PHE B 50 -20.48 8.51 -39.68
CA PHE B 50 -20.55 9.87 -39.11
C PHE B 50 -21.98 10.33 -38.80
N GLY B 51 -22.85 9.36 -38.53
CA GLY B 51 -24.19 9.61 -38.00
C GLY B 51 -24.10 10.19 -36.60
N LEU B 52 -25.16 10.84 -36.17
CA LEU B 52 -25.15 11.58 -34.90
C LEU B 52 -24.74 10.74 -33.69
N THR B 53 -25.20 9.49 -33.63
CA THR B 53 -24.89 8.58 -32.52
C THR B 53 -23.39 8.28 -32.43
N GLY B 54 -22.81 7.86 -33.54
CA GLY B 54 -21.39 7.55 -33.60
C GLY B 54 -20.48 8.74 -33.30
N LEU B 55 -20.97 9.95 -33.53
CA LEU B 55 -20.19 11.15 -33.23
C LEU B 55 -20.04 11.34 -31.71
N VAL B 56 -21.12 11.05 -30.97
CA VAL B 56 -21.08 11.05 -29.51
C VAL B 56 -20.04 10.06 -29.01
N THR B 57 -20.04 8.85 -29.56
CA THR B 57 -19.05 7.83 -29.24
C THR B 57 -17.62 8.36 -29.48
N ILE B 58 -17.41 9.04 -30.59
CA ILE B 58 -16.08 9.58 -30.94
C ILE B 58 -15.56 10.53 -29.85
N ASP B 59 -16.41 11.48 -29.46
CA ASP B 59 -16.09 12.43 -28.41
C ASP B 59 -15.90 11.75 -27.05
N MET B 60 -16.76 10.78 -26.75
CA MET B 60 -16.67 9.99 -25.52
C MET B 60 -15.36 9.23 -25.44
N LEU B 61 -14.97 8.62 -26.57
CA LEU B 61 -13.71 7.89 -26.71
C LEU B 61 -12.52 8.82 -26.58
N SER B 62 -12.68 10.04 -27.11
CA SER B 62 -11.64 11.06 -27.07
C SER B 62 -11.27 11.39 -25.62
N LYS B 63 -12.28 11.69 -24.81
CA LYS B 63 -12.10 11.96 -23.38
C LYS B 63 -11.53 10.76 -22.62
N LEU B 64 -11.99 9.55 -22.93
CA LEU B 64 -11.51 8.33 -22.28
C LEU B 64 -10.08 7.96 -22.66
N SER B 65 -9.64 8.43 -23.85
CA SER B 65 -8.34 8.06 -24.42
C SER B 65 -7.17 8.56 -23.59
N GLU B 66 -7.40 9.67 -22.88
CA GLU B 66 -6.39 10.23 -21.99
C GLU B 66 -5.95 9.17 -20.97
N LYS B 67 -6.94 8.50 -20.37
CA LYS B 67 -6.70 7.41 -19.43
C LYS B 67 -6.35 6.09 -20.14
N TYR B 68 -7.13 5.74 -21.16
CA TYR B 68 -6.90 4.50 -21.89
C TYR B 68 -6.13 4.80 -23.17
N TYR B 69 -6.78 4.62 -24.32
CA TYR B 69 -6.23 4.96 -25.63
C TYR B 69 -7.41 5.21 -26.57
N MET B 70 -7.12 5.62 -27.80
CA MET B 70 -8.16 5.90 -28.78
C MET B 70 -8.24 4.76 -29.79
N PRO B 71 -9.34 3.98 -29.76
CA PRO B 71 -9.56 2.96 -30.79
C PRO B 71 -9.68 3.60 -32.16
N GLU B 72 -9.09 2.95 -33.17
CA GLU B 72 -9.08 3.51 -34.52
C GLU B 72 -10.48 3.54 -35.14
N LEU B 73 -10.66 4.43 -36.12
CA LEU B 73 -11.97 4.65 -36.74
C LEU B 73 -12.02 4.09 -38.16
N LEU B 74 -13.12 3.42 -38.48
CA LEU B 74 -13.34 2.85 -39.80
C LEU B 74 -14.58 3.45 -40.45
N PHE B 75 -14.39 3.96 -41.66
CA PHE B 75 -15.44 4.58 -42.44
C PHE B 75 -15.51 3.87 -43.79
N ILE B 76 -16.68 3.31 -44.12
CA ILE B 76 -16.89 2.71 -45.43
C ILE B 76 -17.39 3.79 -46.38
N ASP B 77 -16.53 4.20 -47.32
CA ASP B 77 -16.94 5.12 -48.36
C ASP B 77 -17.57 4.31 -49.49
N THR B 78 -18.90 4.41 -49.59
CA THR B 78 -19.67 3.67 -50.60
C THR B 78 -19.54 4.27 -51.99
N LEU B 79 -18.85 5.41 -52.07
CA LEU B 79 -18.71 6.24 -53.28
C LEU B 79 -20.02 6.94 -53.68
N HIS B 80 -20.99 6.91 -52.77
CA HIS B 80 -22.31 7.48 -53.02
C HIS B 80 -22.80 8.26 -51.78
N HIS B 81 -21.86 8.75 -50.98
CA HIS B 81 -22.18 9.54 -49.81
C HIS B 81 -22.57 10.96 -50.21
N PHE B 82 -23.30 11.65 -49.34
CA PHE B 82 -23.51 13.08 -49.49
C PHE B 82 -22.14 13.75 -49.34
N PRO B 83 -21.88 14.80 -50.15
CA PRO B 83 -20.61 15.53 -50.06
C PRO B 83 -20.29 16.02 -48.65
N GLN B 84 -21.28 16.57 -47.95
CA GLN B 84 -21.08 17.07 -46.58
C GLN B 84 -20.80 15.98 -45.54
N THR B 85 -21.12 14.72 -45.87
CA THR B 85 -20.72 13.58 -45.04
C THR B 85 -19.20 13.45 -45.13
N LEU B 86 -18.67 13.59 -46.34
CA LEU B 86 -17.23 13.56 -46.58
C LEU B 86 -16.54 14.82 -46.01
N THR B 87 -17.22 15.95 -46.07
CA THR B 87 -16.73 17.20 -45.44
C THR B 87 -16.65 17.05 -43.91
N LEU B 88 -17.66 16.39 -43.32
CA LEU B 88 -17.69 16.09 -41.89
C LEU B 88 -16.56 15.13 -41.47
N LYS B 89 -16.30 14.13 -42.31
CA LYS B 89 -15.20 13.19 -42.11
C LYS B 89 -13.86 13.92 -41.93
N ASN B 90 -13.66 14.97 -42.73
CA ASN B 90 -12.44 15.78 -42.65
C ASN B 90 -12.33 16.55 -41.34
N GLU B 91 -13.42 17.21 -40.95
CA GLU B 91 -13.49 17.93 -39.67
C GLU B 91 -13.22 17.01 -38.48
N ILE B 92 -13.80 15.81 -38.51
CA ILE B 92 -13.63 14.85 -37.41
C ILE B 92 -12.17 14.37 -37.32
N GLU B 93 -11.60 13.97 -38.45
CA GLU B 93 -10.19 13.57 -38.52
C GLU B 93 -9.29 14.64 -37.91
N LYS B 94 -9.51 15.89 -38.31
CA LYS B 94 -8.69 17.02 -37.86
C LYS B 94 -8.85 17.27 -36.36
N LYS B 95 -10.09 17.17 -35.88
CA LYS B 95 -10.40 17.47 -34.48
C LYS B 95 -9.93 16.36 -33.53
N TYR B 96 -10.25 15.10 -33.87
CA TYR B 96 -10.10 13.98 -32.94
C TYR B 96 -8.93 13.03 -33.19
N TYR B 97 -8.49 12.92 -34.44
CA TYR B 97 -7.56 11.85 -34.81
C TYR B 97 -6.13 12.32 -35.10
N GLN B 98 -6.02 13.39 -35.87
CA GLN B 98 -4.73 14.01 -36.15
C GLN B 98 -3.92 14.31 -34.87
N PRO B 99 -4.56 14.93 -33.84
CA PRO B 99 -3.78 15.27 -32.64
C PRO B 99 -3.31 14.04 -31.87
N LYS B 100 -3.87 12.88 -32.22
CA LYS B 100 -3.53 11.62 -31.58
C LYS B 100 -2.69 10.71 -32.50
N ASN B 101 -2.16 11.30 -33.58
CA ASN B 101 -1.35 10.58 -34.56
C ASN B 101 -2.09 9.47 -35.30
N GLN B 102 -3.34 9.75 -35.64
CA GLN B 102 -4.20 8.81 -36.36
C GLN B 102 -4.81 9.47 -37.59
N THR B 103 -5.11 8.66 -38.59
CA THR B 103 -6.03 9.04 -39.66
C THR B 103 -7.24 8.11 -39.58
N ILE B 104 -8.37 8.56 -40.12
CA ILE B 104 -9.53 7.71 -40.21
C ILE B 104 -9.30 6.70 -41.33
N HIS B 105 -9.50 5.42 -41.02
CA HIS B 105 -9.45 4.36 -42.02
C HIS B 105 -10.64 4.49 -42.96
N VAL B 106 -10.38 4.48 -44.26
CA VAL B 106 -11.42 4.67 -45.26
C VAL B 106 -11.36 3.51 -46.24
N TYR B 107 -12.44 2.73 -46.28
CA TYR B 107 -12.53 1.62 -47.20
C TYR B 107 -13.59 1.86 -48.26
N LYS B 108 -13.22 1.60 -49.51
CA LYS B 108 -14.06 1.80 -50.67
C LYS B 108 -14.30 0.46 -51.38
N PRO B 109 -15.32 0.38 -52.24
CA PRO B 109 -15.49 -0.80 -53.09
C PRO B 109 -14.19 -1.22 -53.78
N ASP B 110 -13.97 -2.53 -53.88
CA ASP B 110 -12.73 -3.11 -54.42
C ASP B 110 -12.43 -2.62 -55.84
N GLY B 111 -11.23 -2.07 -56.01
CA GLY B 111 -10.75 -1.57 -57.29
C GLY B 111 -11.34 -0.24 -57.73
N CYS B 112 -11.96 0.48 -56.80
CA CYS B 112 -12.62 1.75 -57.13
C CYS B 112 -12.15 2.90 -56.25
N GLU B 113 -12.00 4.06 -56.88
CA GLU B 113 -11.45 5.25 -56.25
C GLU B 113 -12.53 6.33 -56.14
N SER B 114 -13.52 6.28 -57.02
CA SER B 114 -14.56 7.30 -57.11
C SER B 114 -15.87 6.73 -57.64
N GLU B 115 -16.92 7.54 -57.60
CA GLU B 115 -18.24 7.16 -58.10
C GLU B 115 -18.21 6.77 -59.59
N ALA B 116 -17.35 7.45 -60.36
CA ALA B 116 -17.21 7.19 -61.81
C ALA B 116 -16.58 5.84 -62.10
N ASP B 117 -15.63 5.42 -61.26
CA ASP B 117 -15.01 4.10 -61.37
C ASP B 117 -16.04 2.99 -61.16
N PHE B 118 -16.87 3.17 -60.14
CA PHE B 118 -17.95 2.24 -59.81
C PHE B 118 -18.90 2.07 -60.98
N ALA B 119 -19.34 3.20 -61.55
CA ALA B 119 -20.29 3.21 -62.67
C ALA B 119 -19.72 2.59 -63.95
N SER B 120 -18.40 2.66 -64.11
CA SER B 120 -17.71 2.09 -65.27
C SER B 120 -17.43 0.60 -65.11
N LYS B 121 -17.60 0.11 -63.87
CA LYS B 121 -17.39 -1.29 -63.53
C LYS B 121 -18.68 -2.10 -63.63
N TYR B 122 -19.76 -1.56 -63.07
CA TYR B 122 -21.00 -2.30 -62.91
C TYR B 122 -22.21 -1.64 -63.59
N GLY B 123 -21.97 -0.53 -64.27
CA GLY B 123 -23.04 0.24 -64.90
C GLY B 123 -23.60 1.33 -64.01
N ASP B 124 -24.22 2.32 -64.63
CA ASP B 124 -24.86 3.43 -63.93
C ASP B 124 -26.08 2.96 -63.13
N PHE B 125 -26.43 3.70 -62.07
CA PHE B 125 -27.63 3.46 -61.26
C PHE B 125 -27.81 2.00 -60.79
N LEU B 126 -26.73 1.36 -60.33
CA LEU B 126 -26.78 -0.04 -59.91
C LEU B 126 -27.80 -0.30 -58.79
N TRP B 127 -27.94 0.67 -57.87
CA TRP B 127 -28.85 0.58 -56.74
C TRP B 127 -30.32 0.37 -57.12
N GLU B 128 -30.74 0.96 -58.24
CA GLU B 128 -32.11 0.82 -58.71
C GLU B 128 -32.28 -0.35 -59.69
N LYS B 129 -31.16 -0.84 -60.21
CA LYS B 129 -31.18 -1.98 -61.13
C LYS B 129 -31.03 -3.32 -60.40
N ASP B 130 -30.18 -3.34 -59.38
CA ASP B 130 -29.94 -4.56 -58.58
C ASP B 130 -29.46 -4.15 -57.19
N ASP B 131 -30.40 -4.11 -56.24
CA ASP B 131 -30.09 -3.64 -54.89
C ASP B 131 -29.21 -4.61 -54.06
N ASP B 132 -29.33 -5.91 -54.32
CA ASP B 132 -28.49 -6.92 -53.66
C ASP B 132 -27.05 -6.82 -54.11
N LYS B 133 -26.86 -6.69 -55.43
CA LYS B 133 -25.55 -6.48 -56.03
C LYS B 133 -24.92 -5.20 -55.48
N TYR B 134 -25.72 -4.14 -55.43
CA TYR B 134 -25.24 -2.84 -54.96
C TYR B 134 -24.83 -2.86 -53.49
N ASP B 135 -25.71 -3.34 -52.62
CA ASP B 135 -25.45 -3.41 -51.17
C ASP B 135 -24.17 -4.20 -50.90
N TYR B 136 -23.99 -5.30 -51.64
CA TYR B 136 -22.80 -6.12 -51.48
C TYR B 136 -21.51 -5.40 -51.91
N LEU B 137 -21.50 -4.89 -53.15
CA LEU B 137 -20.28 -4.32 -53.74
C LEU B 137 -19.89 -2.97 -53.15
N ALA B 138 -20.89 -2.19 -52.72
CA ALA B 138 -20.66 -0.84 -52.18
C ALA B 138 -20.44 -0.77 -50.67
N LYS B 139 -21.02 -1.70 -49.90
CA LYS B 139 -21.04 -1.62 -48.42
C LYS B 139 -20.49 -2.88 -47.74
N VAL B 140 -21.08 -4.03 -48.05
CA VAL B 140 -20.76 -5.29 -47.38
C VAL B 140 -19.35 -5.79 -47.69
N GLU B 141 -19.00 -5.84 -48.98
CA GLU B 141 -17.66 -6.25 -49.42
C GLU B 141 -16.54 -5.39 -48.83
N PRO B 142 -16.59 -4.04 -49.02
CA PRO B 142 -15.54 -3.21 -48.42
C PRO B 142 -15.43 -3.33 -46.89
N ALA B 143 -16.57 -3.36 -46.20
CA ALA B 143 -16.58 -3.56 -44.75
C ALA B 143 -15.93 -4.88 -44.38
N HIS B 144 -16.34 -5.97 -45.05
CA HIS B 144 -15.76 -7.29 -44.81
C HIS B 144 -14.24 -7.30 -45.02
N ARG B 145 -13.80 -6.67 -46.11
CA ARG B 145 -12.39 -6.58 -46.47
C ARG B 145 -11.59 -5.86 -45.39
N ALA B 146 -12.15 -4.75 -44.89
CA ALA B 146 -11.58 -3.98 -43.77
C ALA B 146 -11.44 -4.81 -42.48
N TYR B 147 -12.47 -5.55 -42.10
CA TYR B 147 -12.40 -6.36 -40.88
C TYR B 147 -11.23 -7.36 -40.97
N LYS B 148 -11.06 -7.95 -42.15
CA LYS B 148 -10.02 -8.95 -42.39
C LYS B 148 -8.63 -8.33 -42.43
N GLU B 149 -8.49 -7.25 -43.20
CA GLU B 149 -7.20 -6.61 -43.42
C GLU B 149 -6.69 -5.87 -42.20
N LEU B 150 -7.60 -5.18 -41.51
CA LEU B 150 -7.22 -4.45 -40.29
C LEU B 150 -7.22 -5.34 -39.04
N HIS B 151 -7.53 -6.62 -39.23
CA HIS B 151 -7.60 -7.62 -38.15
C HIS B 151 -8.47 -7.14 -36.99
N ILE B 152 -9.72 -6.83 -37.29
CA ILE B 152 -10.67 -6.31 -36.31
C ILE B 152 -11.43 -7.47 -35.65
N SER B 153 -11.52 -7.44 -34.32
CA SER B 153 -12.26 -8.46 -33.60
C SER B 153 -13.57 -7.92 -33.03
N ALA B 154 -13.64 -6.60 -32.87
CA ALA B 154 -14.70 -5.96 -32.12
C ALA B 154 -14.86 -4.52 -32.57
N VAL B 155 -16.11 -4.09 -32.77
CA VAL B 155 -16.39 -2.72 -33.18
C VAL B 155 -17.50 -2.05 -32.36
N PHE B 156 -17.34 -0.75 -32.12
CA PHE B 156 -18.46 0.09 -31.68
C PHE B 156 -19.31 0.50 -32.87
N THR B 157 -20.62 0.32 -32.78
CA THR B 157 -21.56 0.84 -33.78
C THR B 157 -22.48 1.90 -33.15
N GLY B 158 -23.01 2.80 -33.98
CA GLY B 158 -23.91 3.84 -33.51
C GLY B 158 -25.39 3.53 -33.64
N ARG B 159 -25.76 2.27 -33.40
CA ARG B 159 -27.17 1.88 -33.40
C ARG B 159 -27.79 1.99 -32.02
N ARG B 160 -29.08 2.31 -31.98
CA ARG B 160 -29.82 2.47 -30.71
C ARG B 160 -31.19 1.80 -30.80
N LYS B 161 -31.71 1.39 -29.64
CA LYS B 161 -33.06 0.80 -29.58
C LYS B 161 -34.12 1.79 -30.01
N SER B 162 -33.96 3.04 -29.57
CA SER B 162 -34.93 4.10 -29.86
C SER B 162 -34.99 4.49 -31.33
N GLN B 163 -34.14 3.87 -32.15
CA GLN B 163 -34.16 4.09 -33.61
C GLN B 163 -35.30 3.35 -34.33
N GLY B 164 -36.12 2.62 -33.58
CA GLY B 164 -37.31 1.95 -34.12
C GLY B 164 -37.04 0.68 -34.91
N SER B 165 -38.11 0.12 -35.47
CA SER B 165 -38.08 -1.11 -36.29
C SER B 165 -37.36 -2.28 -35.60
N ALA B 166 -36.49 -2.96 -36.35
CA ALA B 166 -35.74 -4.13 -35.85
C ALA B 166 -34.73 -3.77 -34.76
N ARG B 167 -34.30 -2.50 -34.74
CA ARG B 167 -33.41 -1.98 -33.72
C ARG B 167 -34.00 -2.01 -32.30
N SER B 168 -35.31 -2.24 -32.21
CA SER B 168 -35.98 -2.42 -30.90
C SER B 168 -35.48 -3.64 -30.12
N GLN B 169 -35.04 -4.66 -30.84
CA GLN B 169 -34.58 -5.91 -30.24
C GLN B 169 -33.06 -5.99 -30.06
N LEU B 170 -32.37 -4.87 -30.30
CA LEU B 170 -30.92 -4.82 -30.19
C LEU B 170 -30.40 -5.20 -28.81
N SER B 171 -29.26 -5.89 -28.80
CA SER B 171 -28.53 -6.17 -27.57
C SER B 171 -27.33 -5.24 -27.48
N ILE B 172 -26.81 -5.08 -26.27
CA ILE B 172 -25.60 -4.29 -26.06
C ILE B 172 -24.45 -4.92 -26.87
N ILE B 173 -24.34 -6.24 -26.79
CA ILE B 173 -23.33 -6.98 -27.54
C ILE B 173 -23.99 -7.99 -28.45
N GLU B 174 -23.56 -7.99 -29.71
CA GLU B 174 -23.97 -9.03 -30.65
C GLU B 174 -22.77 -9.55 -31.42
N ILE B 175 -22.93 -10.70 -32.06
CA ILE B 175 -21.82 -11.31 -32.80
C ILE B 175 -22.15 -11.50 -34.26
N ASP B 176 -21.17 -11.18 -35.10
CA ASP B 176 -21.26 -11.34 -36.54
C ASP B 176 -20.12 -12.26 -36.96
N GLU B 177 -20.40 -13.56 -36.94
CA GLU B 177 -19.41 -14.60 -37.23
C GLU B 177 -18.89 -14.60 -38.65
N LEU B 178 -19.74 -14.21 -39.61
CA LEU B 178 -19.35 -14.17 -41.02
C LEU B 178 -18.28 -13.12 -41.27
N ASN B 179 -18.39 -12.00 -40.58
CA ASN B 179 -17.38 -10.96 -40.65
C ASN B 179 -16.25 -11.19 -39.63
N GLY B 180 -16.54 -12.05 -38.63
CA GLY B 180 -15.57 -12.45 -37.61
C GLY B 180 -15.38 -11.38 -36.56
N ILE B 181 -16.46 -10.66 -36.27
CA ILE B 181 -16.40 -9.54 -35.34
C ILE B 181 -17.48 -9.59 -34.29
N LEU B 182 -17.19 -8.93 -33.19
CA LEU B 182 -18.15 -8.65 -32.15
C LEU B 182 -18.63 -7.21 -32.35
N LYS B 183 -19.90 -6.95 -32.08
CA LYS B 183 -20.44 -5.61 -32.23
C LYS B 183 -20.92 -5.08 -30.89
N ILE B 184 -20.48 -3.88 -30.54
CA ILE B 184 -20.85 -3.25 -29.28
C ILE B 184 -21.65 -2.00 -29.61
N ASN B 185 -22.82 -1.88 -28.97
CA ASN B 185 -23.73 -0.75 -29.19
C ASN B 185 -23.87 0.06 -27.90
N PRO B 186 -22.89 0.94 -27.61
CA PRO B 186 -22.79 1.58 -26.30
C PRO B 186 -23.88 2.61 -26.01
N LEU B 187 -24.49 3.17 -27.05
CA LEU B 187 -25.57 4.14 -26.84
C LEU B 187 -26.95 3.52 -27.10
N ILE B 188 -27.02 2.19 -27.02
CA ILE B 188 -28.24 1.40 -27.23
C ILE B 188 -29.50 1.93 -26.52
N ASN B 189 -29.29 2.50 -25.33
CA ASN B 189 -30.40 2.91 -24.47
C ASN B 189 -30.69 4.40 -24.48
N TRP B 190 -29.93 5.14 -25.28
CA TRP B 190 -30.11 6.57 -25.42
C TRP B 190 -31.16 6.92 -26.48
N THR B 191 -31.90 7.98 -26.22
CA THR B 191 -32.83 8.56 -27.20
C THR B 191 -32.11 9.59 -28.06
N PHE B 192 -32.71 9.94 -29.20
CA PHE B 192 -32.17 10.98 -30.08
C PHE B 192 -31.95 12.29 -29.33
N GLU B 193 -32.86 12.61 -28.39
CA GLU B 193 -32.74 13.82 -27.58
C GLU B 193 -31.47 13.82 -26.73
N GLN B 194 -31.23 12.69 -26.04
CA GLN B 194 -30.00 12.51 -25.27
C GLN B 194 -28.76 12.64 -26.15
N VAL B 195 -28.79 12.01 -27.32
CA VAL B 195 -27.72 12.08 -28.32
C VAL B 195 -27.50 13.53 -28.78
N LYS B 196 -28.58 14.24 -29.10
CA LYS B 196 -28.53 15.63 -29.50
C LYS B 196 -28.01 16.53 -28.39
N GLN B 197 -28.39 16.22 -27.15
CA GLN B 197 -27.97 16.99 -25.98
C GLN B 197 -26.47 16.92 -25.74
N TYR B 198 -25.88 15.73 -25.94
CA TYR B 198 -24.43 15.55 -25.81
C TYR B 198 -23.67 16.24 -26.95
N ILE B 199 -24.16 16.07 -28.18
CA ILE B 199 -23.58 16.74 -29.36
C ILE B 199 -23.52 18.26 -29.13
N ASP B 200 -24.64 18.82 -28.66
CA ASP B 200 -24.75 20.24 -28.36
C ASP B 200 -23.85 20.70 -27.20
N ALA B 201 -23.90 19.99 -26.08
CA ALA B 201 -23.19 20.36 -24.86
C ALA B 201 -21.67 20.33 -25.00
N ASN B 202 -21.17 19.44 -25.86
CA ASN B 202 -19.75 19.24 -26.03
C ASN B 202 -19.23 19.74 -27.39
N ASN B 203 -20.05 20.55 -28.05
CA ASN B 203 -19.72 21.16 -29.35
C ASN B 203 -19.03 20.21 -30.35
N VAL B 204 -19.71 19.09 -30.62
CA VAL B 204 -19.22 18.07 -31.53
C VAL B 204 -19.71 18.41 -32.94
N PRO B 205 -18.80 18.34 -33.95
CA PRO B 205 -19.21 18.64 -35.32
C PRO B 205 -20.16 17.57 -35.87
N TYR B 206 -21.26 18.01 -36.46
CA TYR B 206 -22.24 17.09 -37.03
C TYR B 206 -22.55 17.43 -38.49
N ASN B 207 -23.24 16.53 -39.17
CA ASN B 207 -23.62 16.73 -40.57
C ASN B 207 -24.55 17.92 -40.72
N GLU B 208 -24.25 18.79 -41.68
CA GLU B 208 -25.04 19.99 -41.93
C GLU B 208 -26.47 19.66 -42.39
N LEU B 209 -26.63 18.52 -43.06
CA LEU B 209 -27.93 18.08 -43.58
C LEU B 209 -28.97 17.87 -42.49
N LEU B 210 -28.52 17.62 -41.27
CA LEU B 210 -29.41 17.36 -40.14
C LEU B 210 -30.29 18.57 -39.81
N ASP B 211 -29.77 19.76 -40.11
CA ASP B 211 -30.52 21.01 -39.94
C ASP B 211 -31.56 21.19 -41.05
N LEU B 212 -31.34 20.55 -42.20
CA LEU B 212 -32.26 20.61 -43.33
C LEU B 212 -33.33 19.52 -43.26
N GLY B 213 -33.62 19.03 -42.06
CA GLY B 213 -34.69 18.07 -41.84
C GLY B 213 -34.21 16.65 -41.59
N TYR B 214 -33.18 16.24 -42.32
CA TYR B 214 -32.61 14.89 -42.24
C TYR B 214 -32.34 14.47 -40.79
N ARG B 215 -32.57 13.20 -40.47
CA ARG B 215 -32.30 12.66 -39.14
C ARG B 215 -31.36 11.46 -39.19
N SER B 216 -31.48 10.68 -40.27
CA SER B 216 -30.54 9.61 -40.57
C SER B 216 -29.98 9.86 -41.97
N ILE B 217 -28.68 9.67 -42.14
CA ILE B 217 -28.02 9.97 -43.42
C ILE B 217 -27.31 8.75 -44.01
N GLY B 218 -27.78 8.30 -45.17
CA GLY B 218 -27.15 7.22 -45.91
C GLY B 218 -26.58 7.71 -47.23
N ASP B 219 -26.79 6.95 -48.29
CA ASP B 219 -26.35 7.35 -49.63
C ASP B 219 -27.21 8.49 -50.18
N TYR B 220 -26.64 9.29 -51.07
CA TYR B 220 -27.33 10.48 -51.64
C TYR B 220 -28.60 10.14 -52.42
N HIS B 221 -28.63 8.97 -53.04
CA HIS B 221 -29.75 8.53 -53.85
C HIS B 221 -30.86 7.87 -53.03
N SER B 222 -30.50 7.37 -51.85
CA SER B 222 -31.44 6.59 -51.05
C SER B 222 -31.72 7.17 -49.66
N THR B 223 -31.62 8.50 -49.52
CA THR B 223 -31.85 9.16 -48.24
C THR B 223 -32.80 10.35 -48.35
N GLN B 224 -34.00 10.19 -47.81
CA GLN B 224 -35.01 11.25 -47.75
C GLN B 224 -34.95 11.95 -46.39
N PRO B 225 -35.48 13.18 -46.30
CA PRO B 225 -35.64 13.77 -44.97
C PRO B 225 -36.89 13.21 -44.26
N VAL B 226 -37.12 13.66 -43.03
CA VAL B 226 -38.30 13.23 -42.26
C VAL B 226 -39.12 14.42 -41.74
N LYS B 227 -40.41 14.21 -41.57
CA LYS B 227 -41.32 15.25 -41.07
C LYS B 227 -41.38 15.30 -39.54
N GLU B 228 -42.49 15.79 -39.00
CA GLU B 228 -42.68 15.94 -37.56
C GLU B 228 -42.83 14.60 -36.84
N GLY B 229 -43.99 13.95 -37.02
CA GLY B 229 -44.30 12.72 -36.29
C GLY B 229 -43.83 11.43 -36.96
N GLU B 230 -42.70 11.51 -37.66
CA GLU B 230 -42.11 10.36 -38.34
C GLU B 230 -40.86 9.87 -37.61
N ASP B 231 -40.55 8.59 -37.78
CA ASP B 231 -39.38 7.97 -37.14
C ASP B 231 -38.08 8.53 -37.70
N GLU B 232 -37.04 8.55 -36.87
CA GLU B 232 -35.75 9.12 -37.27
C GLU B 232 -35.12 8.43 -38.50
N ARG B 233 -35.44 7.16 -38.68
CA ARG B 233 -34.91 6.36 -39.79
C ARG B 233 -35.92 6.12 -40.92
N ALA B 234 -37.14 6.65 -40.75
CA ALA B 234 -38.22 6.49 -41.73
C ALA B 234 -38.02 7.40 -42.95
N GLY B 235 -36.83 7.32 -43.54
CA GLY B 235 -36.47 8.15 -44.69
C GLY B 235 -35.32 7.58 -45.49
N ARG B 236 -35.05 6.28 -45.34
CA ARG B 236 -34.03 5.60 -46.13
C ARG B 236 -34.29 4.10 -46.24
N TRP B 237 -35.49 3.76 -46.70
CA TRP B 237 -35.93 2.38 -46.81
C TRP B 237 -36.50 2.11 -48.21
N CYS B 245 -30.33 -2.76 -43.30
CA CYS B 245 -29.49 -1.93 -44.17
C CYS B 245 -28.62 -2.78 -45.12
N GLY B 246 -27.98 -3.82 -44.56
CA GLY B 246 -27.06 -4.65 -45.32
C GLY B 246 -25.70 -4.70 -44.66
N ILE B 247 -25.20 -3.54 -44.26
CA ILE B 247 -23.92 -3.41 -43.55
C ILE B 247 -23.92 -4.20 -42.23
N HIS B 248 -25.09 -4.32 -41.61
CA HIS B 248 -25.29 -5.20 -40.43
C HIS B 248 -26.11 -6.45 -40.76
N GLU B 249 -26.71 -6.47 -41.95
CA GLU B 249 -27.42 -7.65 -42.44
C GLU B 249 -26.58 -8.38 -43.48
N ALA B 250 -25.28 -8.51 -43.19
CA ALA B 250 -24.32 -9.16 -44.10
C ALA B 250 -24.54 -10.67 -44.16
N SER B 251 -25.34 -11.17 -43.22
CA SER B 251 -25.68 -12.60 -43.10
C SER B 251 -26.27 -13.19 -44.37
N ARG B 252 -27.03 -12.40 -45.11
CA ARG B 252 -27.65 -12.86 -46.36
C ARG B 252 -26.64 -13.07 -47.50
N PHE B 253 -25.50 -12.38 -47.44
CA PHE B 253 -24.43 -12.56 -48.42
C PHE B 253 -23.44 -13.68 -48.05
N ALA B 254 -23.90 -14.61 -47.21
CA ALA B 254 -23.08 -15.71 -46.69
C ALA B 254 -22.29 -16.48 -47.74
N GLN B 255 -22.94 -16.79 -48.87
CA GLN B 255 -22.31 -17.57 -49.95
C GLN B 255 -21.07 -16.88 -50.54
N PHE B 256 -20.99 -15.56 -50.39
CA PHE B 256 -19.85 -14.77 -50.85
C PHE B 256 -18.80 -14.60 -49.76
N LEU B 257 -19.23 -14.61 -48.49
CA LEU B 257 -18.36 -14.28 -47.36
C LEU B 257 -17.69 -15.49 -46.70
N LYS B 258 -18.29 -16.67 -46.87
CA LYS B 258 -17.80 -17.89 -46.20
C LYS B 258 -16.46 -18.43 -46.73
N GLN B 259 -15.65 -17.57 -47.35
CA GLN B 259 -14.32 -17.94 -47.81
C GLN B 259 -13.24 -17.63 -46.77
N MET C 1 28.61 23.27 23.03
CA MET C 1 27.58 22.21 23.21
C MET C 1 28.07 21.14 24.18
N LYS C 2 27.41 21.00 25.34
CA LYS C 2 27.75 19.93 26.26
C LYS C 2 27.38 18.59 25.66
N THR C 3 28.30 17.63 25.71
CA THR C 3 28.01 16.29 25.20
C THR C 3 28.32 15.26 26.26
N TYR C 4 27.67 14.10 26.13
CA TYR C 4 27.85 12.98 27.02
C TYR C 4 28.36 11.79 26.22
N HIS C 5 29.41 11.15 26.73
CA HIS C 5 29.95 9.95 26.13
C HIS C 5 29.44 8.75 26.91
N LEU C 6 28.76 7.86 26.20
CA LEU C 6 28.16 6.67 26.79
C LEU C 6 28.84 5.39 26.30
N ASN C 7 28.52 4.26 26.92
CA ASN C 7 28.99 2.95 26.43
C ASN C 7 28.59 2.71 24.96
N ASN C 8 29.34 1.81 24.30
CA ASN C 8 29.11 1.47 22.91
C ASN C 8 29.26 2.66 21.96
N ASP C 9 30.07 3.64 22.38
CA ASP C 9 30.50 4.79 21.53
C ASP C 9 29.37 5.78 21.17
N ILE C 10 28.28 5.69 21.91
CA ILE C 10 27.14 6.59 21.75
C ILE C 10 27.48 7.94 22.37
N ILE C 11 27.15 9.00 21.64
CA ILE C 11 27.29 10.36 22.14
C ILE C 11 25.93 11.03 22.11
N VAL C 12 25.57 11.66 23.22
CA VAL C 12 24.33 12.45 23.33
C VAL C 12 24.70 13.92 23.59
N THR C 13 24.11 14.84 22.83
CA THR C 13 24.30 16.28 23.09
C THR C 13 23.25 16.72 24.12
N GLN C 14 23.54 17.82 24.80
CA GLN C 14 22.57 18.44 25.70
C GLN C 14 21.28 18.82 24.98
N GLU C 15 21.39 19.30 23.75
CA GLU C 15 20.21 19.61 22.92
C GLU C 15 19.29 18.41 22.71
N GLN C 16 19.87 17.25 22.49
CA GLN C 16 19.11 15.99 22.38
C GLN C 16 18.43 15.63 23.69
N LEU C 17 19.19 15.66 24.80
CA LEU C 17 18.67 15.37 26.12
C LEU C 17 17.49 16.29 26.50
N ASP C 18 17.65 17.59 26.29
CA ASP C 18 16.61 18.56 26.57
C ASP C 18 15.39 18.35 25.67
N HIS C 19 15.64 18.08 24.40
CA HIS C 19 14.56 17.82 23.42
C HIS C 19 13.71 16.63 23.84
N TRP C 20 14.38 15.55 24.24
CA TRP C 20 13.68 14.31 24.63
C TRP C 20 12.82 14.57 25.87
N ASN C 21 13.38 15.22 26.89
CA ASN C 21 12.59 15.56 28.08
C ASN C 21 11.41 16.50 27.83
N GLU C 22 11.56 17.45 26.92
CA GLU C 22 10.48 18.36 26.50
C GLU C 22 9.35 17.61 25.80
N GLN C 23 9.71 16.71 24.89
CA GLN C 23 8.75 15.96 24.06
C GLN C 23 8.13 14.73 24.74
N LEU C 24 8.90 13.99 25.55
CA LEU C 24 8.36 12.80 26.23
C LEU C 24 7.37 13.16 27.34
N ILE C 25 7.46 14.39 27.83
CA ILE C 25 6.55 14.85 28.87
C ILE C 25 5.14 15.08 28.29
N LYS C 26 5.06 15.10 26.95
CA LYS C 26 3.80 15.21 26.22
C LYS C 26 3.11 13.85 25.97
N LEU C 27 3.87 12.76 26.06
CA LEU C 27 3.29 11.42 25.93
C LEU C 27 2.36 11.09 27.09
N GLU C 28 1.25 10.44 26.78
CA GLU C 28 0.15 10.24 27.74
C GLU C 28 0.39 9.09 28.72
N THR C 29 1.19 8.10 28.32
CA THR C 29 1.31 6.88 29.11
C THR C 29 2.76 6.43 29.28
N PRO C 30 3.07 5.71 30.37
CA PRO C 30 4.39 5.09 30.51
C PRO C 30 4.74 4.15 29.36
N GLN C 31 3.74 3.42 28.86
CA GLN C 31 3.94 2.47 27.76
C GLN C 31 4.46 3.15 26.49
N GLU C 32 4.01 4.37 26.23
CA GLU C 32 4.50 5.15 25.09
C GLU C 32 5.97 5.54 25.24
N ILE C 33 6.35 5.98 26.43
CA ILE C 33 7.74 6.30 26.74
C ILE C 33 8.63 5.06 26.58
N ILE C 34 8.15 3.93 27.10
CA ILE C 34 8.84 2.65 26.98
C ILE C 34 9.00 2.21 25.52
N ALA C 35 7.92 2.31 24.73
CA ALA C 35 7.98 1.93 23.31
C ALA C 35 8.96 2.83 22.54
N TRP C 36 8.89 4.14 22.77
CA TRP C 36 9.88 5.07 22.23
C TRP C 36 11.32 4.64 22.54
N SER C 37 11.59 4.29 23.79
CA SER C 37 12.96 3.93 24.23
C SER C 37 13.46 2.67 23.54
N ILE C 38 12.58 1.67 23.45
CA ILE C 38 12.84 0.45 22.70
C ILE C 38 13.27 0.76 21.25
N VAL C 39 12.51 1.61 20.56
CA VAL C 39 12.83 1.95 19.17
C VAL C 39 14.15 2.73 19.04
N THR C 40 14.40 3.61 20.01
CA THR C 40 15.48 4.60 19.96
C THR C 40 16.85 4.05 20.40
N PHE C 41 16.88 3.22 21.44
CA PHE C 41 18.16 2.83 22.04
C PHE C 41 18.54 1.37 21.88
N PRO C 42 19.70 1.14 21.22
CA PRO C 42 20.28 -0.18 21.29
C PRO C 42 20.92 -0.38 22.67
N HIS C 43 21.17 -1.63 23.03
CA HIS C 43 21.77 -1.97 24.32
C HIS C 43 20.96 -1.41 25.48
N LEU C 44 19.65 -1.55 25.36
CA LEU C 44 18.68 -1.14 26.38
C LEU C 44 18.36 -2.29 27.30
N PHE C 45 18.58 -2.05 28.59
CA PHE C 45 18.26 -3.01 29.62
C PHE C 45 17.29 -2.37 30.62
N GLN C 46 16.78 -3.19 31.53
CA GLN C 46 16.08 -2.69 32.72
C GLN C 46 16.89 -3.05 33.94
N THR C 47 16.95 -2.14 34.89
CA THR C 47 17.54 -2.40 36.19
C THR C 47 16.40 -2.40 37.23
N THR C 48 16.43 -3.35 38.16
CA THR C 48 15.37 -3.45 39.18
C THR C 48 15.86 -4.06 40.50
N ALA C 49 15.27 -3.61 41.61
CA ALA C 49 15.38 -4.31 42.89
C ALA C 49 14.08 -5.04 43.18
N PHE C 50 13.22 -5.14 42.16
CA PHE C 50 11.88 -5.74 42.29
C PHE C 50 10.95 -4.94 43.20
N GLY C 51 11.18 -3.63 43.24
CA GLY C 51 10.25 -2.70 43.86
C GLY C 51 9.00 -2.66 42.98
N LEU C 52 7.89 -2.22 43.57
CA LEU C 52 6.60 -2.21 42.87
C LEU C 52 6.61 -1.53 41.51
N THR C 53 7.29 -0.38 41.44
CA THR C 53 7.31 0.43 40.22
C THR C 53 7.98 -0.34 39.09
N GLY C 54 9.11 -0.99 39.39
CA GLY C 54 9.86 -1.76 38.39
C GLY C 54 9.13 -2.99 37.90
N LEU C 55 8.34 -3.61 38.78
CA LEU C 55 7.49 -4.75 38.42
C LEU C 55 6.43 -4.38 37.40
N VAL C 56 5.86 -3.17 37.55
CA VAL C 56 4.97 -2.58 36.53
C VAL C 56 5.68 -2.49 35.15
N THR C 57 6.91 -1.98 35.16
CA THR C 57 7.73 -1.84 33.94
C THR C 57 8.01 -3.21 33.31
N ILE C 58 8.34 -4.20 34.14
CA ILE C 58 8.54 -5.57 33.66
C ILE C 58 7.30 -6.07 32.90
N ASP C 59 6.13 -5.88 33.50
CA ASP C 59 4.89 -6.38 32.92
C ASP C 59 4.54 -5.57 31.65
N MET C 60 4.78 -4.27 31.69
CA MET C 60 4.53 -3.45 30.50
C MET C 60 5.45 -3.88 29.37
N LEU C 61 6.71 -4.14 29.69
CA LEU C 61 7.69 -4.61 28.72
C LEU C 61 7.32 -5.97 28.13
N SER C 62 6.79 -6.87 28.96
CA SER C 62 6.39 -8.21 28.52
C SER C 62 5.28 -8.14 27.46
N LYS C 63 4.29 -7.28 27.71
CA LYS C 63 3.19 -7.04 26.76
C LYS C 63 3.72 -6.40 25.46
N LEU C 64 4.62 -5.43 25.60
CA LEU C 64 5.25 -4.76 24.46
C LEU C 64 6.18 -5.67 23.63
N SER C 65 6.78 -6.67 24.28
CA SER C 65 7.76 -7.56 23.65
C SER C 65 7.17 -8.40 22.52
N GLU C 66 5.85 -8.57 22.55
CA GLU C 66 5.13 -9.26 21.50
C GLU C 66 5.30 -8.51 20.18
N LYS C 67 5.30 -7.18 20.25
CA LYS C 67 5.53 -6.34 19.09
C LYS C 67 7.03 -6.18 18.84
N TYR C 68 7.75 -5.78 19.88
CA TYR C 68 9.16 -5.48 19.77
C TYR C 68 9.99 -6.67 20.26
N TYR C 69 10.62 -6.51 21.42
CA TYR C 69 11.40 -7.58 22.03
C TYR C 69 11.49 -7.29 23.54
N MET C 70 12.02 -8.24 24.31
CA MET C 70 12.09 -8.10 25.78
C MET C 70 13.48 -7.68 26.24
N PRO C 71 13.62 -6.39 26.66
CA PRO C 71 14.91 -5.98 27.22
C PRO C 71 15.29 -6.83 28.42
N GLU C 72 16.53 -7.28 28.44
CA GLU C 72 17.09 -8.03 29.56
C GLU C 72 17.10 -7.24 30.88
N LEU C 73 17.01 -7.98 31.98
CA LEU C 73 16.90 -7.41 33.30
C LEU C 73 18.19 -7.61 34.11
N LEU C 74 18.58 -6.54 34.81
CA LEU C 74 19.74 -6.56 35.70
C LEU C 74 19.31 -6.30 37.14
N PHE C 75 19.72 -7.20 38.03
CA PHE C 75 19.48 -7.12 39.46
C PHE C 75 20.84 -7.07 40.14
N ILE C 76 21.03 -6.11 41.03
CA ILE C 76 22.23 -6.14 41.88
C ILE C 76 21.88 -6.85 43.18
N ASP C 77 22.48 -8.01 43.38
CA ASP C 77 22.30 -8.73 44.62
C ASP C 77 23.42 -8.27 45.54
N THR C 78 23.07 -7.34 46.43
CA THR C 78 24.01 -6.79 47.44
C THR C 78 24.41 -7.84 48.49
N LEU C 79 23.74 -8.99 48.46
CA LEU C 79 23.89 -10.08 49.44
C LEU C 79 23.19 -9.81 50.78
N HIS C 80 22.47 -8.68 50.87
CA HIS C 80 21.86 -8.27 52.12
C HIS C 80 20.38 -7.94 51.90
N HIS C 81 19.82 -8.52 50.83
CA HIS C 81 18.40 -8.48 50.55
C HIS C 81 17.60 -9.32 51.56
N PHE C 82 16.32 -8.98 51.72
CA PHE C 82 15.36 -9.84 52.38
C PHE C 82 15.18 -11.11 51.56
N PRO C 83 15.04 -12.28 52.23
CA PRO C 83 14.82 -13.49 51.45
C PRO C 83 13.57 -13.40 50.57
N GLN C 84 12.57 -12.66 51.02
CA GLN C 84 11.33 -12.45 50.28
C GLN C 84 11.55 -11.72 48.94
N THR C 85 12.58 -10.87 48.89
CA THR C 85 12.95 -10.18 47.66
C THR C 85 13.47 -11.16 46.64
N LEU C 86 14.28 -12.12 47.11
CA LEU C 86 14.86 -13.16 46.25
C LEU C 86 13.80 -14.21 45.85
N THR C 87 12.83 -14.47 46.73
CA THR C 87 11.68 -15.30 46.40
C THR C 87 10.93 -14.67 45.22
N LEU C 88 10.67 -13.36 45.32
CA LEU C 88 10.03 -12.60 44.25
C LEU C 88 10.86 -12.60 42.96
N LYS C 89 12.17 -12.42 43.08
CA LYS C 89 13.08 -12.51 41.94
C LYS C 89 12.83 -13.77 41.12
N ASN C 90 12.82 -14.93 41.78
CA ASN C 90 12.56 -16.22 41.13
C ASN C 90 11.17 -16.34 40.52
N GLU C 91 10.13 -15.87 41.21
CA GLU C 91 8.78 -15.82 40.64
C GLU C 91 8.73 -15.01 39.34
N ILE C 92 9.37 -13.84 39.35
CA ILE C 92 9.48 -12.98 38.18
C ILE C 92 10.25 -13.65 37.03
N GLU C 93 11.41 -14.25 37.34
CA GLU C 93 12.17 -14.97 36.31
C GLU C 93 11.30 -16.00 35.58
N LYS C 94 10.57 -16.81 36.35
CA LYS C 94 9.79 -17.91 35.78
C LYS C 94 8.58 -17.42 34.97
N LYS C 95 7.95 -16.34 35.43
CA LYS C 95 6.75 -15.81 34.78
C LYS C 95 7.04 -15.01 33.51
N TYR C 96 8.08 -14.19 33.54
CA TYR C 96 8.34 -13.20 32.48
C TYR C 96 9.60 -13.45 31.65
N TYR C 97 10.57 -14.18 32.21
CA TYR C 97 11.86 -14.30 31.52
C TYR C 97 12.12 -15.70 30.97
N GLN C 98 11.95 -16.71 31.81
CA GLN C 98 12.01 -18.11 31.38
C GLN C 98 11.23 -18.40 30.08
N PRO C 99 9.93 -18.01 30.00
CA PRO C 99 9.15 -18.26 28.78
C PRO C 99 9.72 -17.63 27.52
N LYS C 100 10.54 -16.60 27.68
CA LYS C 100 11.17 -15.89 26.57
C LYS C 100 12.62 -16.33 26.38
N ASN C 101 12.96 -17.51 26.92
CA ASN C 101 14.34 -18.03 26.96
C ASN C 101 15.37 -17.00 27.47
N GLN C 102 15.01 -16.28 28.51
CA GLN C 102 15.94 -15.37 29.17
C GLN C 102 16.18 -15.76 30.62
N THR C 103 17.31 -15.33 31.17
CA THR C 103 17.48 -15.36 32.61
C THR C 103 17.78 -13.94 33.08
N ILE C 104 17.40 -13.65 34.32
CA ILE C 104 17.73 -12.37 34.93
C ILE C 104 19.23 -12.33 35.19
N HIS C 105 19.85 -11.21 34.82
CA HIS C 105 21.27 -10.96 35.13
C HIS C 105 21.39 -10.52 36.57
N VAL C 106 22.28 -11.18 37.29
CA VAL C 106 22.48 -10.91 38.71
C VAL C 106 23.96 -10.66 38.91
N TYR C 107 24.28 -9.45 39.36
CA TYR C 107 25.62 -9.11 39.76
C TYR C 107 25.70 -8.97 41.27
N LYS C 108 26.84 -9.37 41.81
CA LYS C 108 27.09 -9.50 43.24
C LYS C 108 28.41 -8.80 43.61
N PRO C 109 28.60 -8.47 44.91
CA PRO C 109 29.91 -7.96 45.34
C PRO C 109 31.05 -8.87 44.90
N ASP C 110 32.18 -8.26 44.53
CA ASP C 110 33.36 -9.01 44.07
C ASP C 110 33.75 -10.17 45.00
N GLY C 111 33.88 -11.36 44.43
CA GLY C 111 34.36 -12.55 45.12
C GLY C 111 33.43 -13.11 46.19
N CYS C 112 32.16 -12.76 46.13
CA CYS C 112 31.20 -13.18 47.14
C CYS C 112 29.99 -13.81 46.50
N GLU C 113 29.54 -14.89 47.10
CA GLU C 113 28.30 -15.56 46.69
C GLU C 113 27.18 -15.32 47.74
N SER C 114 27.57 -15.14 49.00
CA SER C 114 26.61 -14.98 50.10
C SER C 114 27.03 -13.89 51.08
N GLU C 115 26.16 -13.56 52.03
CA GLU C 115 26.47 -12.57 53.08
C GLU C 115 27.62 -13.01 53.98
N ALA C 116 27.69 -14.30 54.31
CA ALA C 116 28.83 -14.85 55.05
C ALA C 116 30.17 -14.60 54.32
N ASP C 117 30.22 -14.80 53.00
CA ASP C 117 31.40 -14.48 52.18
C ASP C 117 31.80 -13.00 52.33
N PHE C 118 30.82 -12.10 52.23
CA PHE C 118 31.04 -10.67 52.30
C PHE C 118 31.63 -10.27 53.66
N ALA C 119 31.09 -10.83 54.75
CA ALA C 119 31.52 -10.50 56.09
C ALA C 119 32.94 -11.04 56.31
N SER C 120 33.20 -12.24 55.79
CA SER C 120 34.52 -12.87 55.91
C SER C 120 35.60 -12.08 55.15
N LYS C 121 35.26 -11.61 53.96
CA LYS C 121 36.17 -10.85 53.11
C LYS C 121 36.34 -9.40 53.55
N TYR C 122 35.23 -8.75 53.90
CA TYR C 122 35.26 -7.30 54.15
C TYR C 122 34.98 -6.91 55.60
N GLY C 123 34.68 -7.89 56.45
CA GLY C 123 34.42 -7.66 57.88
C GLY C 123 32.93 -7.58 58.19
N ASP C 124 32.56 -7.92 59.42
CA ASP C 124 31.17 -7.91 59.89
C ASP C 124 30.58 -6.51 59.85
N PHE C 125 29.28 -6.41 59.55
CA PHE C 125 28.52 -5.16 59.72
C PHE C 125 29.20 -3.95 59.09
N LEU C 126 29.62 -4.09 57.84
CA LEU C 126 30.36 -3.03 57.18
C LEU C 126 29.57 -1.72 57.03
N TRP C 127 28.25 -1.84 56.80
CA TRP C 127 27.35 -0.69 56.69
C TRP C 127 27.33 0.16 57.97
N GLU C 128 27.72 -0.44 59.09
CA GLU C 128 27.78 0.26 60.37
C GLU C 128 29.10 1.00 60.51
N LYS C 129 30.13 0.47 59.85
CA LYS C 129 31.50 1.00 59.93
C LYS C 129 31.66 2.27 59.12
N ASP C 130 31.34 2.18 57.83
CA ASP C 130 31.16 3.38 57.02
C ASP C 130 30.32 3.15 55.78
N ASP C 131 29.40 4.08 55.58
CA ASP C 131 28.57 4.16 54.38
C ASP C 131 29.36 3.88 53.11
N ASP C 132 30.37 4.72 52.84
CA ASP C 132 31.16 4.69 51.59
C ASP C 132 31.64 3.30 51.17
N LYS C 133 32.38 2.64 52.06
CA LYS C 133 32.97 1.34 51.77
C LYS C 133 31.92 0.31 51.39
N TYR C 134 30.86 0.22 52.21
CA TYR C 134 29.82 -0.78 51.99
C TYR C 134 29.05 -0.47 50.71
N ASP C 135 28.69 0.80 50.53
CA ASP C 135 28.08 1.28 49.30
C ASP C 135 28.85 0.93 48.04
N TYR C 136 30.16 1.14 48.09
CA TYR C 136 31.02 0.83 46.94
C TYR C 136 31.02 -0.65 46.60
N LEU C 137 31.31 -1.48 47.61
CA LEU C 137 31.48 -2.92 47.41
C LEU C 137 30.20 -3.68 47.14
N ALA C 138 29.12 -3.31 47.83
CA ALA C 138 27.84 -3.98 47.68
C ALA C 138 27.00 -3.48 46.51
N LYS C 139 27.17 -2.22 46.12
CA LYS C 139 26.25 -1.63 45.14
C LYS C 139 26.92 -1.02 43.91
N VAL C 140 27.83 -0.06 44.16
CA VAL C 140 28.42 0.74 43.11
C VAL C 140 29.35 -0.07 42.19
N GLU C 141 30.26 -0.83 42.78
CA GLU C 141 31.22 -1.60 42.02
C GLU C 141 30.52 -2.69 41.15
N PRO C 142 29.62 -3.50 41.74
CA PRO C 142 28.89 -4.54 40.98
C PRO C 142 28.05 -3.99 39.83
N ALA C 143 27.36 -2.86 40.05
CA ALA C 143 26.58 -2.20 39.01
C ALA C 143 27.48 -1.71 37.87
N HIS C 144 28.55 -0.99 38.23
CA HIS C 144 29.50 -0.46 37.25
C HIS C 144 30.03 -1.57 36.38
N ARG C 145 30.41 -2.67 37.03
CA ARG C 145 30.95 -3.85 36.39
C ARG C 145 29.91 -4.49 35.47
N ALA C 146 28.66 -4.52 35.91
CA ALA C 146 27.54 -5.00 35.09
C ALA C 146 27.36 -4.18 33.83
N TYR C 147 27.26 -2.86 33.97
CA TYR C 147 27.12 -1.97 32.81
C TYR C 147 28.24 -2.19 31.79
N LYS C 148 29.49 -2.29 32.25
CA LYS C 148 30.64 -2.48 31.36
C LYS C 148 30.67 -3.87 30.72
N GLU C 149 30.45 -4.91 31.52
CA GLU C 149 30.51 -6.29 31.05
C GLU C 149 29.37 -6.62 30.08
N LEU C 150 28.20 -6.04 30.34
CA LEU C 150 27.04 -6.33 29.50
C LEU C 150 26.87 -5.35 28.34
N HIS C 151 27.73 -4.32 28.31
CA HIS C 151 27.73 -3.27 27.29
C HIS C 151 26.37 -2.56 27.28
N ILE C 152 25.97 -2.10 28.45
CA ILE C 152 24.68 -1.42 28.61
C ILE C 152 24.86 0.05 28.25
N SER C 153 24.01 0.54 27.34
CA SER C 153 23.97 1.97 27.00
C SER C 153 22.83 2.71 27.68
N ALA C 154 21.76 2.00 27.98
CA ALA C 154 20.54 2.64 28.49
C ALA C 154 19.76 1.66 29.36
N VAL C 155 19.16 2.17 30.44
CA VAL C 155 18.42 1.35 31.41
C VAL C 155 17.10 2.01 31.81
N PHE C 156 16.07 1.18 32.00
CA PHE C 156 14.85 1.63 32.66
C PHE C 156 15.11 1.50 34.16
N THR C 157 14.71 2.51 34.92
CA THR C 157 14.76 2.48 36.37
C THR C 157 13.35 2.71 36.93
N GLY C 158 13.17 2.36 38.20
CA GLY C 158 11.85 2.42 38.82
C GLY C 158 11.64 3.61 39.73
N ARG C 159 12.27 4.74 39.41
CA ARG C 159 12.11 5.96 40.18
C ARG C 159 10.93 6.82 39.71
N ARG C 160 10.27 7.48 40.66
CA ARG C 160 9.11 8.34 40.40
C ARG C 160 9.23 9.63 41.20
N LYS C 161 8.68 10.72 40.64
CA LYS C 161 8.64 12.03 41.29
C LYS C 161 8.00 11.98 42.68
N SER C 162 6.93 11.21 42.81
CA SER C 162 6.13 11.12 44.05
C SER C 162 6.82 10.34 45.17
N GLN C 163 7.99 9.79 44.88
CA GLN C 163 8.81 9.16 45.93
C GLN C 163 9.51 10.21 46.79
N GLY C 164 9.47 11.47 46.37
CA GLY C 164 9.96 12.60 47.16
C GLY C 164 11.47 12.75 47.25
N SER C 165 11.89 13.70 48.08
CA SER C 165 13.29 14.07 48.31
C SER C 165 14.05 14.39 47.02
N ALA C 166 15.16 13.70 46.78
CA ALA C 166 15.96 13.87 45.57
C ALA C 166 15.22 13.53 44.28
N ARG C 167 14.11 12.79 44.39
CA ARG C 167 13.39 12.32 43.20
C ARG C 167 12.28 13.26 42.72
N SER C 168 11.96 14.26 43.55
CA SER C 168 11.05 15.34 43.12
C SER C 168 11.57 16.02 41.85
N GLN C 169 12.90 16.02 41.69
CA GLN C 169 13.58 16.73 40.59
C GLN C 169 13.93 15.84 39.41
N LEU C 170 13.40 14.61 39.38
CA LEU C 170 13.68 13.69 38.28
C LEU C 170 13.19 14.23 36.94
N SER C 171 13.97 13.97 35.89
CA SER C 171 13.51 14.13 34.52
C SER C 171 13.16 12.74 33.99
N ILE C 172 12.39 12.68 32.91
CA ILE C 172 12.14 11.39 32.27
C ILE C 172 13.44 10.72 31.83
N ILE C 173 14.33 11.49 31.18
CA ILE C 173 15.64 10.96 30.77
C ILE C 173 16.77 11.62 31.56
N GLU C 174 17.64 10.79 32.14
CA GLU C 174 18.87 11.32 32.72
C GLU C 174 20.10 10.54 32.28
N ILE C 175 21.26 11.16 32.43
CA ILE C 175 22.51 10.56 32.00
C ILE C 175 23.45 10.37 33.20
N ASP C 176 24.02 9.17 33.29
CA ASP C 176 25.02 8.82 34.30
C ASP C 176 26.30 8.54 33.53
N GLU C 177 27.14 9.56 33.43
CA GLU C 177 28.29 9.53 32.54
C GLU C 177 29.48 8.75 33.09
N LEU C 178 29.58 8.62 34.41
CA LEU C 178 30.56 7.74 35.04
C LEU C 178 30.32 6.25 34.72
N ASN C 179 29.06 5.84 34.73
CA ASN C 179 28.68 4.46 34.38
C ASN C 179 28.50 4.24 32.87
N GLY C 180 28.41 5.35 32.14
CA GLY C 180 28.32 5.34 30.69
C GLY C 180 26.95 5.01 30.18
N ILE C 181 25.93 5.36 30.98
CA ILE C 181 24.56 5.00 30.68
C ILE C 181 23.56 6.16 30.72
N LEU C 182 22.54 6.00 29.91
CA LEU C 182 21.38 6.86 29.98
C LEU C 182 20.34 6.12 30.85
N LYS C 183 19.54 6.88 31.59
CA LYS C 183 18.53 6.29 32.47
C LYS C 183 17.16 6.83 32.10
N ILE C 184 16.22 5.91 31.88
CA ILE C 184 14.87 6.26 31.52
C ILE C 184 13.96 5.94 32.71
N ASN C 185 13.16 6.93 33.10
CA ASN C 185 12.25 6.77 34.22
C ASN C 185 10.81 6.84 33.72
N PRO C 186 10.29 5.73 33.13
CA PRO C 186 9.04 5.83 32.39
C PRO C 186 7.83 6.03 33.31
N LEU C 187 7.97 5.67 34.58
CA LEU C 187 6.88 5.80 35.56
C LEU C 187 7.04 7.01 36.45
N ILE C 188 7.86 7.97 36.00
CA ILE C 188 8.15 9.19 36.73
C ILE C 188 6.91 9.95 37.24
N ASN C 189 5.82 9.96 36.47
CA ASN C 189 4.61 10.75 36.83
C ASN C 189 3.51 10.00 37.54
N TRP C 190 3.68 8.68 37.72
CA TRP C 190 2.69 7.85 38.40
C TRP C 190 2.82 7.91 39.91
N THR C 191 1.68 7.94 40.59
CA THR C 191 1.65 7.83 42.04
C THR C 191 1.73 6.36 42.44
N PHE C 192 1.93 6.11 43.73
CA PHE C 192 2.00 4.76 44.26
C PHE C 192 0.69 4.00 44.06
N GLU C 193 -0.44 4.71 44.19
CA GLU C 193 -1.77 4.13 43.95
C GLU C 193 -1.94 3.68 42.50
N GLN C 194 -1.52 4.50 41.54
CA GLN C 194 -1.49 4.10 40.12
C GLN C 194 -0.63 2.85 39.88
N VAL C 195 0.53 2.80 40.53
CA VAL C 195 1.42 1.64 40.44
C VAL C 195 0.70 0.39 40.98
N LYS C 196 0.21 0.48 42.22
CA LYS C 196 -0.52 -0.61 42.87
C LYS C 196 -1.77 -1.04 42.08
N GLN C 197 -2.49 -0.06 41.54
CA GLN C 197 -3.64 -0.27 40.65
C GLN C 197 -3.26 -1.20 39.49
N TYR C 198 -2.19 -0.87 38.77
CA TYR C 198 -1.69 -1.70 37.69
C TYR C 198 -1.32 -3.13 38.15
N ILE C 199 -0.60 -3.23 39.28
CA ILE C 199 -0.19 -4.53 39.85
C ILE C 199 -1.38 -5.46 40.08
N ASP C 200 -2.43 -4.92 40.71
CA ASP C 200 -3.63 -5.67 41.03
C ASP C 200 -4.41 -6.04 39.77
N ALA C 201 -4.57 -5.07 38.87
CA ALA C 201 -5.37 -5.26 37.66
C ALA C 201 -4.75 -6.31 36.76
N ASN C 202 -3.42 -6.44 36.83
CA ASN C 202 -2.68 -7.36 35.96
C ASN C 202 -2.09 -8.58 36.69
N ASN C 203 -2.51 -8.80 37.93
CA ASN C 203 -2.04 -9.95 38.73
C ASN C 203 -0.52 -10.11 38.75
N VAL C 204 0.20 -8.99 38.84
CA VAL C 204 1.66 -9.00 38.84
C VAL C 204 2.13 -9.44 40.23
N PRO C 205 3.05 -10.42 40.30
CA PRO C 205 3.57 -10.83 41.60
C PRO C 205 4.39 -9.70 42.22
N TYR C 206 4.30 -9.55 43.54
CA TYR C 206 5.01 -8.50 44.26
C TYR C 206 5.57 -9.04 45.58
N ASN C 207 6.43 -8.26 46.23
CA ASN C 207 7.05 -8.67 47.47
C ASN C 207 6.02 -8.76 48.58
N GLU C 208 5.92 -9.91 49.23
CA GLU C 208 4.94 -10.09 50.30
C GLU C 208 5.15 -9.15 51.49
N LEU C 209 6.38 -8.64 51.63
CA LEU C 209 6.68 -7.67 52.70
C LEU C 209 5.85 -6.39 52.59
N LEU C 210 5.38 -6.08 51.39
CA LEU C 210 4.52 -4.92 51.15
C LEU C 210 3.22 -4.97 51.96
N ASP C 211 2.69 -6.18 52.18
CA ASP C 211 1.48 -6.34 52.98
C ASP C 211 1.73 -6.04 54.46
N LEU C 212 3.00 -5.96 54.85
CA LEU C 212 3.41 -5.55 56.20
C LEU C 212 3.71 -4.05 56.32
N GLY C 213 3.64 -3.34 55.20
CA GLY C 213 3.92 -1.89 55.18
C GLY C 213 5.31 -1.55 54.65
N TYR C 214 6.00 -2.53 54.09
CA TYR C 214 7.25 -2.26 53.40
C TYR C 214 6.96 -1.69 52.01
N ARG C 215 6.67 -0.40 51.94
CA ARG C 215 6.38 0.24 50.66
C ARG C 215 7.64 0.50 49.80
N SER C 216 8.80 0.47 50.46
CA SER C 216 10.09 0.55 49.78
C SER C 216 11.04 -0.44 50.42
N ILE C 217 11.69 -1.25 49.60
CA ILE C 217 12.46 -2.38 50.11
C ILE C 217 13.88 -2.35 49.62
N GLY C 218 14.82 -2.27 50.56
CA GLY C 218 16.24 -2.33 50.23
C GLY C 218 16.88 -3.44 51.02
N ASP C 219 18.07 -3.15 51.56
CA ASP C 219 18.81 -4.14 52.33
C ASP C 219 18.11 -4.32 53.68
N TYR C 220 18.23 -5.52 54.26
CA TYR C 220 17.50 -5.85 55.49
C TYR C 220 17.90 -4.97 56.68
N HIS C 221 19.16 -4.55 56.71
CA HIS C 221 19.71 -3.75 57.82
C HIS C 221 19.45 -2.23 57.68
N SER C 222 18.82 -1.82 56.59
CA SER C 222 18.58 -0.41 56.32
C SER C 222 17.15 -0.17 55.82
N THR C 223 16.27 -1.12 56.07
CA THR C 223 14.89 -1.02 55.64
C THR C 223 13.95 -1.32 56.81
N GLN C 224 13.05 -0.38 57.07
CA GLN C 224 12.03 -0.51 58.11
C GLN C 224 10.65 -0.40 57.46
N PRO C 225 9.63 -1.02 58.06
CA PRO C 225 8.29 -0.80 57.52
C PRO C 225 7.85 0.65 57.73
N VAL C 226 6.88 1.11 56.96
CA VAL C 226 6.30 2.44 57.19
C VAL C 226 4.82 2.37 57.63
N LYS C 227 4.36 3.46 58.24
CA LYS C 227 2.95 3.69 58.48
C LYS C 227 2.37 4.52 57.34
N GLU C 228 1.12 4.25 57.01
CA GLU C 228 0.34 4.94 55.96
C GLU C 228 0.61 6.45 55.77
N GLY C 229 0.75 7.18 56.87
CA GLY C 229 0.95 8.63 56.82
C GLY C 229 2.37 9.06 56.51
N GLU C 230 3.33 8.14 56.66
CA GLU C 230 4.73 8.41 56.36
C GLU C 230 4.94 8.35 54.86
N ASP C 231 5.94 9.07 54.38
CA ASP C 231 6.37 8.99 52.98
C ASP C 231 6.68 7.54 52.57
N GLU C 232 6.53 7.27 51.28
CA GLU C 232 6.75 5.94 50.68
C GLU C 232 8.11 5.35 51.00
N ARG C 233 9.13 6.21 51.03
CA ARG C 233 10.51 5.74 51.27
C ARG C 233 11.07 6.09 52.65
N ALA C 234 10.20 6.50 53.58
CA ALA C 234 10.62 6.88 54.93
C ALA C 234 11.36 5.79 55.70
N GLY C 235 11.07 4.53 55.39
CA GLY C 235 11.68 3.40 56.05
C GLY C 235 13.06 3.04 55.50
N ARG C 236 13.56 3.80 54.53
CA ARG C 236 14.89 3.62 53.96
C ARG C 236 15.96 4.40 54.74
N TRP C 237 15.65 5.64 55.10
CA TRP C 237 16.54 6.42 55.97
C TRP C 237 15.99 6.51 57.39
N LYS C 238 15.81 5.36 58.06
CA LYS C 238 15.41 5.42 59.47
C LYS C 238 16.67 5.68 60.32
N GLY C 239 16.94 6.97 60.51
CA GLY C 239 18.26 7.48 60.86
C GLY C 239 18.58 8.44 59.73
N LYS C 240 17.71 9.44 59.61
CA LYS C 240 17.44 10.17 58.36
C LYS C 240 18.64 10.77 57.64
N ALA C 241 18.70 10.49 56.34
CA ALA C 241 19.67 11.10 55.45
C ALA C 241 18.92 11.75 54.28
N LYS C 242 17.88 11.05 53.81
CA LYS C 242 17.15 11.38 52.57
C LYS C 242 18.07 11.32 51.34
N THR C 243 19.09 10.48 51.45
CA THR C 243 20.18 10.38 50.46
C THR C 243 19.96 9.19 49.53
N GLU C 244 20.32 9.40 48.27
CA GLU C 244 20.32 8.33 47.27
C GLU C 244 21.61 7.53 47.40
N CYS C 245 21.48 6.22 47.57
CA CYS C 245 22.62 5.32 47.68
C CYS C 245 23.40 5.16 46.36
N GLY C 246 24.43 4.32 46.39
CA GLY C 246 25.35 4.14 45.27
C GLY C 246 24.78 3.80 43.91
N ILE C 247 23.64 3.10 43.89
CA ILE C 247 22.98 2.72 42.63
C ILE C 247 22.69 3.93 41.72
N HIS C 248 22.25 5.03 42.34
CA HIS C 248 21.84 6.23 41.61
C HIS C 248 22.91 7.31 41.65
N GLU C 249 23.79 7.24 42.64
CA GLU C 249 24.78 8.28 42.85
C GLU C 249 26.14 7.71 43.25
N ALA C 250 27.11 7.80 42.33
CA ALA C 250 28.41 7.17 42.53
C ALA C 250 29.58 8.05 42.10
N SER C 251 29.34 9.35 41.94
CA SER C 251 30.32 10.28 41.36
C SER C 251 31.57 10.48 42.23
N ARG C 252 31.44 10.28 43.54
CA ARG C 252 32.58 10.41 44.44
C ARG C 252 33.58 9.25 44.28
N PHE C 253 33.11 8.15 43.72
CA PHE C 253 33.92 6.95 43.47
C PHE C 253 34.60 6.94 42.10
N ALA C 254 34.54 8.07 41.39
CA ALA C 254 35.09 8.19 40.04
C ALA C 254 36.54 7.69 39.93
N GLN C 255 37.35 8.00 40.94
CA GLN C 255 38.76 7.60 41.03
C GLN C 255 38.97 6.09 41.03
N PHE C 256 38.05 5.36 41.66
CA PHE C 256 38.14 3.89 41.80
C PHE C 256 37.59 3.13 40.58
N LEU C 257 36.56 3.68 39.95
CA LEU C 257 35.97 3.06 38.77
C LEU C 257 36.69 3.50 37.50
N MET D 1 33.88 0.83 15.15
CA MET D 1 32.48 1.24 14.84
C MET D 1 32.47 2.57 14.08
N LYS D 2 31.85 2.58 12.91
CA LYS D 2 31.66 3.78 12.11
C LYS D 2 30.72 4.75 12.87
N THR D 3 31.13 6.00 12.96
CA THR D 3 30.26 7.06 13.47
C THR D 3 30.08 8.16 12.42
N TYR D 4 28.91 8.78 12.45
CA TYR D 4 28.54 9.83 11.51
C TYR D 4 28.40 11.12 12.29
N HIS D 5 29.04 12.17 11.80
CA HIS D 5 29.03 13.48 12.41
C HIS D 5 28.07 14.40 11.67
N LEU D 6 27.02 14.84 12.38
CA LEU D 6 25.97 15.67 11.80
C LEU D 6 26.06 17.12 12.29
N ASN D 7 25.25 18.00 11.71
CA ASN D 7 25.16 19.38 12.20
C ASN D 7 24.65 19.43 13.65
N ASN D 8 25.00 20.50 14.35
CA ASN D 8 24.64 20.66 15.77
C ASN D 8 25.33 19.65 16.67
N ASP D 9 26.50 19.19 16.23
CA ASP D 9 27.38 18.32 17.01
C ASP D 9 26.78 16.94 17.35
N ILE D 10 25.77 16.54 16.59
CA ILE D 10 25.12 15.25 16.77
C ILE D 10 25.96 14.17 16.13
N ILE D 11 26.18 13.09 16.89
CA ILE D 11 26.91 11.92 16.43
C ILE D 11 25.96 10.75 16.44
N VAL D 12 26.01 9.96 15.37
CA VAL D 12 25.22 8.73 15.24
C VAL D 12 26.19 7.58 14.92
N THR D 13 26.09 6.48 15.67
CA THR D 13 26.95 5.31 15.40
C THR D 13 26.25 4.43 14.35
N GLN D 14 26.99 3.55 13.70
CA GLN D 14 26.43 2.60 12.75
C GLN D 14 25.35 1.73 13.40
N GLU D 15 25.65 1.28 14.61
CA GLU D 15 24.71 0.49 15.40
C GLU D 15 23.37 1.22 15.66
N GLN D 16 23.41 2.49 16.04
CA GLN D 16 22.16 3.29 16.20
C GLN D 16 21.33 3.35 14.92
N LEU D 17 21.99 3.68 13.81
CA LEU D 17 21.36 3.75 12.51
C LEU D 17 20.71 2.41 12.12
N ASP D 18 21.46 1.32 12.27
CA ASP D 18 20.93 -0.02 12.00
C ASP D 18 19.78 -0.37 12.94
N HIS D 19 19.89 0.03 14.20
CA HIS D 19 18.87 -0.23 15.22
C HIS D 19 17.57 0.45 14.84
N TRP D 20 17.65 1.70 14.43
CA TRP D 20 16.48 2.47 14.09
C TRP D 20 15.80 1.84 12.88
N ASN D 21 16.57 1.45 11.86
CA ASN D 21 15.98 0.81 10.69
C ASN D 21 15.33 -0.53 10.98
N GLU D 22 15.97 -1.33 11.86
CA GLU D 22 15.40 -2.59 12.37
C GLU D 22 14.09 -2.40 13.14
N GLN D 23 14.02 -1.36 13.98
CA GLN D 23 12.85 -1.17 14.85
C GLN D 23 11.71 -0.38 14.19
N LEU D 24 12.07 0.60 13.37
CA LEU D 24 11.06 1.44 12.70
C LEU D 24 10.17 0.70 11.70
N ILE D 25 10.67 -0.40 11.15
CA ILE D 25 9.85 -1.26 10.27
C ILE D 25 8.67 -1.89 11.02
N LYS D 26 8.77 -1.92 12.34
CA LYS D 26 7.70 -2.43 13.19
C LYS D 26 6.55 -1.44 13.39
N LEU D 27 6.74 -0.20 12.95
CA LEU D 27 5.69 0.80 13.07
C LEU D 27 4.66 0.64 11.94
N GLU D 28 3.39 0.85 12.25
CA GLU D 28 2.33 0.45 11.34
C GLU D 28 1.94 1.50 10.30
N THR D 29 2.26 2.76 10.57
CA THR D 29 1.82 3.85 9.72
C THR D 29 2.93 4.89 9.56
N PRO D 30 2.89 5.68 8.46
CA PRO D 30 3.84 6.78 8.34
C PRO D 30 3.69 7.76 9.51
N GLN D 31 2.47 7.94 10.01
CA GLN D 31 2.22 8.86 11.12
C GLN D 31 3.00 8.50 12.38
N GLU D 32 3.14 7.19 12.63
CA GLU D 32 3.94 6.68 13.76
C GLU D 32 5.43 6.92 13.59
N ILE D 33 5.95 6.68 12.39
CA ILE D 33 7.35 7.01 12.08
C ILE D 33 7.58 8.52 12.26
N ILE D 34 6.63 9.32 11.79
CA ILE D 34 6.75 10.79 11.87
C ILE D 34 6.78 11.25 13.34
N ALA D 35 5.90 10.68 14.16
CA ALA D 35 5.80 11.04 15.58
C ALA D 35 7.06 10.65 16.34
N TRP D 36 7.59 9.46 16.06
CA TRP D 36 8.90 9.05 16.61
C TRP D 36 10.02 10.04 16.24
N SER D 37 10.07 10.43 14.98
CA SER D 37 11.08 11.38 14.49
C SER D 37 10.99 12.71 15.23
N ILE D 38 9.76 13.24 15.33
CA ILE D 38 9.46 14.46 16.09
C ILE D 38 10.00 14.46 17.53
N VAL D 39 9.73 13.36 18.24
CA VAL D 39 10.16 13.21 19.62
C VAL D 39 11.69 13.04 19.70
N THR D 40 12.26 12.39 18.69
CA THR D 40 13.66 11.94 18.75
C THR D 40 14.69 12.97 18.30
N PHE D 41 14.35 13.76 17.28
CA PHE D 41 15.33 14.64 16.66
C PHE D 41 15.08 16.14 16.89
N PRO D 42 16.04 16.82 17.55
CA PRO D 42 16.04 18.29 17.51
C PRO D 42 16.49 18.75 16.12
N HIS D 43 16.17 19.99 15.76
CA HIS D 43 16.55 20.55 14.46
C HIS D 43 15.99 19.71 13.30
N LEU D 44 14.72 19.33 13.43
CA LEU D 44 14.03 18.50 12.45
C LEU D 44 13.21 19.38 11.50
N PHE D 45 13.50 19.24 10.20
CA PHE D 45 12.83 19.98 9.14
C PHE D 45 12.19 19.00 8.15
N GLN D 46 11.40 19.52 7.22
CA GLN D 46 11.01 18.73 6.06
C GLN D 46 11.54 19.42 4.81
N THR D 47 12.01 18.64 3.84
CA THR D 47 12.30 19.16 2.51
C THR D 47 11.22 18.67 1.56
N THR D 48 10.78 19.55 0.67
CA THR D 48 9.75 19.19 -0.31
C THR D 48 9.90 19.98 -1.62
N ALA D 49 9.53 19.34 -2.72
CA ALA D 49 9.33 20.04 -3.99
C ALA D 49 7.84 20.10 -4.30
N PHE D 50 7.04 19.91 -3.25
CA PHE D 50 5.57 19.86 -3.33
C PHE D 50 5.05 18.74 -4.25
N GLY D 51 5.83 17.67 -4.32
CA GLY D 51 5.38 16.40 -4.87
C GLY D 51 4.31 15.83 -3.97
N LEU D 52 3.47 14.95 -4.53
CA LEU D 52 2.31 14.39 -3.85
C LEU D 52 2.65 13.72 -2.52
N THR D 53 3.77 13.01 -2.52
CA THR D 53 4.22 12.29 -1.34
C THR D 53 4.51 13.25 -0.19
N GLY D 54 5.25 14.31 -0.49
CA GLY D 54 5.62 15.32 0.51
C GLY D 54 4.44 16.14 1.01
N LEU D 55 3.46 16.34 0.13
CA LEU D 55 2.21 17.01 0.50
C LEU D 55 1.42 16.22 1.53
N VAL D 56 1.42 14.89 1.39
CA VAL D 56 0.85 14.01 2.41
C VAL D 56 1.57 14.22 3.76
N THR D 57 2.91 14.23 3.73
CA THR D 57 3.71 14.47 4.93
C THR D 57 3.37 15.82 5.62
N ILE D 58 3.24 16.88 4.83
CA ILE D 58 2.85 18.22 5.32
C ILE D 58 1.50 18.18 6.04
N ASP D 59 0.53 17.51 5.45
CA ASP D 59 -0.80 17.35 6.05
C ASP D 59 -0.74 16.51 7.33
N MET D 60 0.00 15.40 7.28
CA MET D 60 0.24 14.57 8.48
C MET D 60 0.94 15.35 9.61
N LEU D 61 1.95 16.13 9.26
CA LEU D 61 2.63 17.01 10.22
C LEU D 61 1.71 18.06 10.84
N SER D 62 0.88 18.68 10.00
CA SER D 62 -0.08 19.68 10.45
C SER D 62 -1.02 19.12 11.53
N LYS D 63 -1.49 17.90 11.31
CA LYS D 63 -2.39 17.23 12.23
C LYS D 63 -1.71 16.76 13.51
N LEU D 64 -0.42 16.41 13.43
CA LEU D 64 0.34 16.04 14.62
C LEU D 64 0.89 17.25 15.38
N SER D 65 0.86 18.43 14.75
CA SER D 65 1.42 19.66 15.32
C SER D 65 0.70 20.20 16.55
N GLU D 66 -0.56 19.83 16.72
CA GLU D 66 -1.34 20.22 17.89
C GLU D 66 -0.74 19.65 19.18
N LYS D 67 -0.38 18.38 19.13
CA LYS D 67 0.27 17.72 20.26
C LYS D 67 1.74 18.10 20.36
N TYR D 68 2.44 18.07 19.22
CA TYR D 68 3.87 18.30 19.19
C TYR D 68 4.26 19.71 18.69
N TYR D 69 4.79 19.77 17.47
CA TYR D 69 5.13 21.03 16.79
C TYR D 69 5.07 20.81 15.28
N MET D 70 5.01 21.90 14.52
CA MET D 70 5.18 21.83 13.06
C MET D 70 6.64 22.03 12.69
N PRO D 71 7.31 20.96 12.20
CA PRO D 71 8.64 21.16 11.65
C PRO D 71 8.62 22.14 10.48
N GLU D 72 9.61 23.03 10.46
CA GLU D 72 9.75 24.02 9.39
C GLU D 72 10.04 23.32 8.07
N LEU D 73 9.74 24.01 6.96
CA LEU D 73 9.77 23.40 5.63
C LEU D 73 10.86 24.04 4.78
N LEU D 74 11.57 23.21 4.02
CA LEU D 74 12.59 23.69 3.10
C LEU D 74 12.23 23.39 1.64
N PHE D 75 12.12 24.43 0.84
CA PHE D 75 11.88 24.31 -0.58
C PHE D 75 13.05 24.93 -1.33
N ILE D 76 13.67 24.15 -2.21
CA ILE D 76 14.71 24.68 -3.07
C ILE D 76 14.08 25.18 -4.38
N ASP D 77 14.14 26.49 -4.60
CA ASP D 77 13.70 27.09 -5.85
C ASP D 77 14.88 27.03 -6.83
N THR D 78 14.82 26.06 -7.74
CA THR D 78 15.85 25.87 -8.75
C THR D 78 15.88 27.03 -9.75
N LEU D 79 14.90 27.92 -9.65
CA LEU D 79 14.69 29.03 -10.58
C LEU D 79 14.20 28.55 -11.95
N HIS D 80 13.97 27.24 -12.07
CA HIS D 80 13.48 26.61 -13.29
C HIS D 80 12.27 25.73 -13.02
N HIS D 81 11.50 26.08 -11.99
CA HIS D 81 10.29 25.33 -11.67
C HIS D 81 9.17 25.68 -12.63
N PHE D 82 8.17 24.79 -12.70
CA PHE D 82 6.90 25.10 -13.36
C PHE D 82 6.24 26.26 -12.60
N PRO D 83 5.68 27.25 -13.33
CA PRO D 83 4.83 28.25 -12.61
C PRO D 83 3.73 27.61 -11.77
N GLN D 84 3.23 26.44 -12.17
CA GLN D 84 2.26 25.64 -11.42
C GLN D 84 2.83 25.20 -10.07
N THR D 85 4.11 24.80 -10.06
CA THR D 85 4.78 24.38 -8.87
C THR D 85 4.86 25.54 -7.85
N LEU D 86 5.23 26.74 -8.31
CA LEU D 86 5.41 27.90 -7.40
C LEU D 86 4.09 28.43 -6.83
N THR D 87 3.02 28.38 -7.63
CA THR D 87 1.66 28.79 -7.19
C THR D 87 1.12 27.85 -6.11
N LEU D 88 1.53 26.55 -6.25
CA LEU D 88 1.24 25.53 -5.24
C LEU D 88 1.91 25.83 -3.89
N LYS D 89 3.16 26.29 -3.93
CA LYS D 89 3.89 26.68 -2.71
C LYS D 89 3.14 27.79 -1.96
N ASN D 90 2.52 28.69 -2.72
CA ASN D 90 1.73 29.78 -2.14
C ASN D 90 0.49 29.27 -1.41
N GLU D 91 -0.29 28.39 -2.07
CA GLU D 91 -1.42 27.70 -1.45
C GLU D 91 -1.00 27.01 -0.16
N ILE D 92 0.05 26.18 -0.25
CA ILE D 92 0.53 25.40 0.89
C ILE D 92 1.02 26.28 2.05
N GLU D 93 1.75 27.35 1.71
CA GLU D 93 2.23 28.30 2.71
C GLU D 93 1.06 28.93 3.47
N LYS D 94 0.03 29.36 2.75
CA LYS D 94 -1.15 29.99 3.34
C LYS D 94 -2.03 29.00 4.11
N LYS D 95 -2.16 27.78 3.59
CA LYS D 95 -3.01 26.76 4.23
C LYS D 95 -2.40 26.16 5.50
N TYR D 96 -1.09 25.90 5.48
CA TYR D 96 -0.45 25.15 6.57
C TYR D 96 0.56 25.91 7.43
N TYR D 97 1.16 26.97 6.89
CA TYR D 97 2.31 27.58 7.56
C TYR D 97 2.05 28.98 8.11
N GLN D 98 1.45 29.84 7.28
CA GLN D 98 1.03 31.18 7.71
C GLN D 98 0.18 31.15 8.99
N PRO D 99 -0.80 30.23 9.08
CA PRO D 99 -1.60 30.10 10.31
C PRO D 99 -0.82 29.66 11.56
N LYS D 100 0.46 29.35 11.42
CA LYS D 100 1.29 28.93 12.55
C LYS D 100 2.52 29.82 12.73
N ASN D 101 2.37 31.12 12.43
CA ASN D 101 3.48 32.07 12.41
C ASN D 101 4.75 31.50 11.75
N GLN D 102 4.56 30.78 10.65
CA GLN D 102 5.67 30.20 9.89
C GLN D 102 5.67 30.66 8.44
N THR D 103 6.85 30.94 7.92
CA THR D 103 7.08 31.13 6.50
C THR D 103 7.84 29.88 6.04
N ILE D 104 7.53 29.40 4.83
CA ILE D 104 8.31 28.33 4.22
C ILE D 104 9.69 28.89 3.86
N HIS D 105 10.73 28.16 4.27
CA HIS D 105 12.09 28.49 3.89
C HIS D 105 12.32 28.19 2.43
N VAL D 106 12.80 29.17 1.68
CA VAL D 106 13.05 29.01 0.26
C VAL D 106 14.49 29.39 -0.03
N TYR D 107 15.24 28.43 -0.56
CA TYR D 107 16.64 28.67 -0.93
C TYR D 107 16.83 28.62 -2.44
N LYS D 108 17.62 29.55 -2.95
CA LYS D 108 17.86 29.69 -4.39
C LYS D 108 19.35 29.54 -4.65
N PRO D 109 19.73 29.23 -5.92
CA PRO D 109 21.14 29.30 -6.32
C PRO D 109 21.85 30.56 -5.82
N ASP D 110 22.97 30.37 -5.12
CA ASP D 110 23.69 31.47 -4.45
C ASP D 110 23.90 32.66 -5.38
N GLY D 111 23.58 33.85 -4.88
CA GLY D 111 23.73 35.08 -5.65
C GLY D 111 22.55 35.39 -6.55
N CYS D 112 21.86 34.35 -7.01
CA CYS D 112 20.72 34.49 -7.92
C CYS D 112 19.40 34.64 -7.17
N GLU D 113 18.54 35.52 -7.68
CA GLU D 113 17.19 35.67 -7.16
C GLU D 113 16.15 35.77 -8.29
N SER D 114 16.60 35.49 -9.52
CA SER D 114 15.72 35.34 -10.68
C SER D 114 16.31 34.32 -11.63
N GLU D 115 15.45 33.72 -12.46
CA GLU D 115 15.88 32.83 -13.54
C GLU D 115 16.91 33.55 -14.45
N ALA D 116 16.65 34.83 -14.72
CA ALA D 116 17.52 35.68 -15.52
C ALA D 116 18.92 35.86 -14.91
N ASP D 117 18.99 35.83 -13.58
CA ASP D 117 20.27 35.91 -12.86
C ASP D 117 21.09 34.64 -13.06
N PHE D 118 20.42 33.48 -13.03
CA PHE D 118 21.07 32.19 -13.32
C PHE D 118 21.60 32.18 -14.75
N ALA D 119 20.83 32.77 -15.67
CA ALA D 119 21.19 32.88 -17.08
C ALA D 119 22.43 33.75 -17.31
N SER D 120 22.53 34.83 -16.55
CA SER D 120 23.63 35.78 -16.70
C SER D 120 24.93 35.28 -16.06
N LYS D 121 24.79 34.57 -14.94
CA LYS D 121 25.93 34.07 -14.18
C LYS D 121 26.54 32.81 -14.81
N TYR D 122 25.69 31.95 -15.36
CA TYR D 122 26.12 30.63 -15.84
C TYR D 122 25.75 30.29 -17.28
N GLY D 123 25.00 31.19 -17.94
CA GLY D 123 24.32 30.84 -19.19
C GLY D 123 23.16 29.94 -18.83
N ASP D 124 22.69 29.07 -19.72
CA ASP D 124 23.14 28.89 -21.11
C ASP D 124 22.29 27.73 -21.62
N PHE D 125 21.09 27.60 -21.05
CA PHE D 125 20.32 26.35 -21.04
C PHE D 125 21.22 25.26 -20.47
N LEU D 126 21.62 25.46 -19.21
CA LEU D 126 22.70 24.69 -18.59
C LEU D 126 22.39 23.20 -18.44
N TRP D 127 21.12 22.87 -18.28
CA TRP D 127 20.68 21.47 -18.12
C TRP D 127 21.01 20.63 -19.34
N GLU D 128 20.89 21.23 -20.52
CA GLU D 128 21.21 20.57 -21.78
C GLU D 128 22.73 20.45 -21.95
N LYS D 129 23.44 21.53 -21.66
CA LYS D 129 24.89 21.62 -21.86
C LYS D 129 25.71 20.83 -20.81
N ASP D 130 25.23 20.80 -19.57
CA ASP D 130 25.95 20.12 -18.49
C ASP D 130 25.00 19.55 -17.43
N ASP D 131 24.88 18.22 -17.44
CA ASP D 131 24.03 17.47 -16.51
C ASP D 131 24.40 17.75 -15.05
N ASP D 132 25.68 17.58 -14.73
CA ASP D 132 26.19 17.67 -13.36
C ASP D 132 26.18 19.09 -12.80
N LYS D 133 26.74 20.02 -13.59
CA LYS D 133 26.91 21.41 -13.17
C LYS D 133 25.56 22.06 -12.84
N TYR D 134 24.56 21.82 -13.69
CA TYR D 134 23.22 22.36 -13.46
C TYR D 134 22.59 21.79 -12.19
N ASP D 135 22.73 20.49 -11.99
CA ASP D 135 22.19 19.84 -10.79
C ASP D 135 22.81 20.42 -9.53
N TYR D 136 24.14 20.59 -9.52
CA TYR D 136 24.84 21.19 -8.39
C TYR D 136 24.40 22.61 -8.11
N LEU D 137 24.43 23.46 -9.13
CA LEU D 137 24.16 24.88 -8.96
C LEU D 137 22.69 25.18 -8.66
N ALA D 138 21.79 24.45 -9.30
CA ALA D 138 20.36 24.69 -9.12
C ALA D 138 19.79 24.06 -7.84
N LYS D 139 20.36 22.93 -7.44
CA LYS D 139 19.76 22.07 -6.40
C LYS D 139 20.66 21.69 -5.21
N VAL D 140 21.81 21.10 -5.49
CA VAL D 140 22.73 20.62 -4.44
C VAL D 140 23.28 21.73 -3.55
N GLU D 141 23.89 22.75 -4.17
CA GLU D 141 24.47 23.89 -3.47
C GLU D 141 23.47 24.60 -2.57
N PRO D 142 22.31 25.03 -3.13
CA PRO D 142 21.32 25.71 -2.31
C PRO D 142 20.85 24.88 -1.13
N ALA D 143 20.62 23.58 -1.35
CA ALA D 143 20.26 22.65 -0.28
C ALA D 143 21.33 22.61 0.81
N HIS D 144 22.58 22.38 0.39
CA HIS D 144 23.71 22.31 1.30
C HIS D 144 23.80 23.57 2.16
N ARG D 145 23.73 24.74 1.50
CA ARG D 145 23.74 26.04 2.19
C ARG D 145 22.57 26.18 3.17
N ALA D 146 21.40 25.68 2.79
CA ALA D 146 20.22 25.68 3.67
C ALA D 146 20.45 24.91 4.96
N TYR D 147 20.98 23.69 4.85
CA TYR D 147 21.19 22.83 6.01
C TYR D 147 22.12 23.51 7.01
N LYS D 148 23.15 24.17 6.46
CA LYS D 148 24.15 24.87 7.25
C LYS D 148 23.60 26.12 7.95
N GLU D 149 22.91 26.98 7.20
CA GLU D 149 22.42 28.25 7.74
C GLU D 149 21.25 28.08 8.70
N LEU D 150 20.40 27.09 8.41
CA LEU D 150 19.22 26.77 9.21
C LEU D 150 19.50 25.78 10.34
N HIS D 151 20.75 25.32 10.43
CA HIS D 151 21.20 24.40 11.47
C HIS D 151 20.32 23.15 11.50
N ILE D 152 20.18 22.52 10.35
CA ILE D 152 19.35 21.32 10.20
C ILE D 152 20.15 20.05 10.47
N SER D 153 19.58 19.15 11.27
CA SER D 153 20.22 17.87 11.59
C SER D 153 19.46 16.71 10.97
N ALA D 154 18.15 16.87 10.80
CA ALA D 154 17.33 15.78 10.28
C ALA D 154 16.25 16.36 9.38
N VAL D 155 15.95 15.66 8.28
CA VAL D 155 14.87 16.08 7.35
C VAL D 155 13.98 14.92 6.88
N PHE D 156 12.69 15.22 6.78
CA PHE D 156 11.75 14.36 6.08
C PHE D 156 11.91 14.59 4.58
N THR D 157 11.92 13.49 3.83
CA THR D 157 11.87 13.55 2.37
C THR D 157 10.68 12.73 1.85
N GLY D 158 10.29 13.02 0.61
CA GLY D 158 9.14 12.37 -0.01
C GLY D 158 9.49 11.19 -0.90
N ARG D 159 10.57 10.47 -0.56
CA ARG D 159 10.97 9.32 -1.36
C ARG D 159 10.28 8.06 -0.89
N ARG D 160 9.86 7.25 -1.86
CA ARG D 160 9.23 5.97 -1.58
C ARG D 160 9.90 4.86 -2.39
N LYS D 161 9.82 3.64 -1.87
CA LYS D 161 10.32 2.45 -2.54
C LYS D 161 9.65 2.17 -3.88
N SER D 162 8.35 2.41 -3.96
CA SER D 162 7.56 2.11 -5.15
C SER D 162 7.85 3.08 -6.30
N GLN D 163 8.72 4.06 -6.01
CA GLN D 163 9.16 5.03 -7.02
C GLN D 163 10.21 4.46 -7.99
N GLY D 164 10.66 3.23 -7.72
CA GLY D 164 11.49 2.47 -8.66
C GLY D 164 12.94 2.90 -8.72
N SER D 165 13.71 2.23 -9.59
CA SER D 165 15.13 2.52 -9.81
C SER D 165 15.97 2.53 -8.53
N ALA D 166 16.70 3.62 -8.29
CA ALA D 166 17.59 3.73 -7.13
C ALA D 166 16.85 3.80 -5.78
N ARG D 167 15.55 4.05 -5.83
CA ARG D 167 14.75 4.20 -4.61
C ARG D 167 14.17 2.88 -4.09
N SER D 168 14.48 1.79 -4.77
CA SER D 168 14.11 0.46 -4.29
C SER D 168 14.98 0.04 -3.11
N GLN D 169 16.17 0.62 -3.03
CA GLN D 169 17.15 0.30 -2.00
C GLN D 169 17.03 1.23 -0.78
N LEU D 170 15.96 2.02 -0.72
CA LEU D 170 15.76 2.98 0.38
C LEU D 170 15.59 2.30 1.72
N SER D 171 16.16 2.91 2.75
CA SER D 171 15.91 2.54 4.13
C SER D 171 15.02 3.64 4.70
N ILE D 172 14.36 3.36 5.82
CA ILE D 172 13.53 4.37 6.48
C ILE D 172 14.40 5.56 6.95
N ILE D 173 15.57 5.26 7.52
CA ILE D 173 16.51 6.27 7.97
C ILE D 173 17.81 6.14 7.19
N GLU D 174 18.31 7.28 6.75
CA GLU D 174 19.57 7.33 6.02
C GLU D 174 20.41 8.49 6.56
N ILE D 175 21.72 8.43 6.33
CA ILE D 175 22.61 9.51 6.71
C ILE D 175 23.29 10.11 5.48
N ASP D 176 23.23 11.44 5.39
CA ASP D 176 23.98 12.20 4.40
C ASP D 176 25.05 13.01 5.14
N GLU D 177 26.23 12.40 5.30
CA GLU D 177 27.29 13.01 6.10
C GLU D 177 27.85 14.27 5.45
N LEU D 178 27.97 14.27 4.12
CA LEU D 178 28.47 15.46 3.40
C LEU D 178 27.65 16.69 3.75
N ASN D 179 26.33 16.53 3.78
CA ASN D 179 25.40 17.59 4.16
C ASN D 179 25.17 17.69 5.66
N GLY D 180 25.71 16.71 6.41
CA GLY D 180 25.60 16.69 7.87
C GLY D 180 24.20 16.44 8.40
N ILE D 181 23.40 15.72 7.63
CA ILE D 181 22.02 15.49 8.00
C ILE D 181 21.61 14.03 7.99
N LEU D 182 20.60 13.74 8.79
CA LEU D 182 19.90 12.50 8.75
C LEU D 182 18.66 12.70 7.86
N LYS D 183 18.34 11.70 7.05
CA LYS D 183 17.17 11.73 6.16
C LYS D 183 16.14 10.69 6.55
N ILE D 184 14.91 11.13 6.76
CA ILE D 184 13.84 10.25 7.20
C ILE D 184 12.84 10.15 6.06
N ASN D 185 12.49 8.93 5.69
CA ASN D 185 11.57 8.71 4.56
C ASN D 185 10.30 8.04 5.08
N PRO D 186 9.38 8.82 5.66
CA PRO D 186 8.27 8.21 6.42
C PRO D 186 7.24 7.48 5.55
N LEU D 187 7.15 7.85 4.27
CA LEU D 187 6.22 7.18 3.36
C LEU D 187 6.92 6.17 2.47
N ILE D 188 8.05 5.65 2.95
CA ILE D 188 8.87 4.68 2.23
C ILE D 188 8.07 3.48 1.68
N ASN D 189 7.11 3.00 2.47
CA ASN D 189 6.37 1.78 2.15
C ASN D 189 4.97 2.03 1.59
N TRP D 190 4.62 3.29 1.38
CA TRP D 190 3.36 3.68 0.77
C TRP D 190 3.45 3.66 -0.75
N THR D 191 2.42 3.09 -1.38
CA THR D 191 2.30 3.07 -2.82
C THR D 191 1.67 4.37 -3.30
N PHE D 192 1.70 4.61 -4.61
CA PHE D 192 1.11 5.82 -5.17
C PHE D 192 -0.40 5.87 -4.97
N GLU D 193 -1.06 4.70 -5.05
CA GLU D 193 -2.48 4.55 -4.68
C GLU D 193 -2.77 5.12 -3.27
N GLN D 194 -1.99 4.72 -2.26
CA GLN D 194 -2.12 5.24 -0.89
C GLN D 194 -1.93 6.76 -0.80
N VAL D 195 -0.89 7.25 -1.45
CA VAL D 195 -0.63 8.70 -1.54
C VAL D 195 -1.86 9.46 -2.06
N LYS D 196 -2.37 9.08 -3.23
CA LYS D 196 -3.55 9.72 -3.84
C LYS D 196 -4.80 9.63 -2.96
N GLN D 197 -5.05 8.44 -2.42
CA GLN D 197 -6.17 8.19 -1.52
C GLN D 197 -6.19 9.16 -0.34
N TYR D 198 -5.01 9.47 0.19
CA TYR D 198 -4.88 10.38 1.32
C TYR D 198 -5.07 11.83 0.88
N ILE D 199 -4.46 12.20 -0.24
CA ILE D 199 -4.63 13.53 -0.84
C ILE D 199 -6.13 13.85 -1.02
N ASP D 200 -6.89 12.86 -1.50
CA ASP D 200 -8.33 12.98 -1.73
C ASP D 200 -9.14 13.03 -0.43
N ALA D 201 -8.86 12.11 0.48
CA ALA D 201 -9.61 11.99 1.74
C ALA D 201 -9.43 13.20 2.65
N ASN D 202 -8.34 13.93 2.46
CA ASN D 202 -7.97 15.04 3.34
C ASN D 202 -7.92 16.41 2.64
N ASN D 203 -8.47 16.49 1.44
CA ASN D 203 -8.52 17.72 0.66
C ASN D 203 -7.26 18.58 0.84
N VAL D 204 -6.13 18.03 0.43
CA VAL D 204 -4.87 18.76 0.44
C VAL D 204 -4.57 19.27 -0.98
N PRO D 205 -4.15 20.55 -1.11
CA PRO D 205 -3.81 21.12 -2.41
C PRO D 205 -2.69 20.33 -3.09
N TYR D 206 -2.79 20.20 -4.41
CA TYR D 206 -1.77 19.52 -5.21
C TYR D 206 -1.58 20.22 -6.55
N ASN D 207 -0.51 19.82 -7.27
CA ASN D 207 -0.15 20.45 -8.54
C ASN D 207 -1.18 20.17 -9.65
N GLU D 208 -1.72 21.24 -10.23
CA GLU D 208 -2.71 21.13 -11.31
C GLU D 208 -2.26 20.21 -12.46
N LEU D 209 -0.92 20.08 -12.60
CA LEU D 209 -0.35 19.26 -13.68
C LEU D 209 -0.55 17.76 -13.49
N LEU D 210 -0.82 17.33 -12.23
CA LEU D 210 -1.09 15.93 -11.92
C LEU D 210 -2.30 15.41 -12.70
N ASP D 211 -3.36 16.22 -12.75
CA ASP D 211 -4.56 15.91 -13.52
C ASP D 211 -4.29 15.86 -15.03
N LEU D 212 -3.13 16.39 -15.44
CA LEU D 212 -2.67 16.33 -16.84
C LEU D 212 -1.55 15.29 -17.03
N GLY D 213 -1.45 14.34 -16.08
CA GLY D 213 -0.53 13.20 -16.23
C GLY D 213 0.85 13.33 -15.60
N TYR D 214 1.08 14.44 -14.89
CA TYR D 214 2.39 14.70 -14.29
C TYR D 214 2.44 14.17 -12.85
N ARG D 215 2.67 12.86 -12.72
CA ARG D 215 2.73 12.20 -11.42
C ARG D 215 4.02 12.51 -10.67
N SER D 216 5.05 12.91 -11.40
CA SER D 216 6.33 13.34 -10.81
C SER D 216 6.80 14.64 -11.49
N ILE D 217 7.03 15.68 -10.67
CA ILE D 217 7.27 17.03 -11.19
C ILE D 217 8.59 17.65 -10.73
N GLY D 218 9.40 18.05 -11.69
CA GLY D 218 10.64 18.78 -11.41
C GLY D 218 10.66 20.10 -12.15
N ASP D 219 11.78 20.36 -12.84
CA ASP D 219 11.96 21.59 -13.61
C ASP D 219 11.10 21.59 -14.86
N TYR D 220 10.76 22.77 -15.38
CA TYR D 220 9.88 22.87 -16.55
C TYR D 220 10.46 22.22 -17.80
N HIS D 221 11.79 22.22 -17.90
CA HIS D 221 12.50 21.77 -19.10
C HIS D 221 12.83 20.27 -19.15
N SER D 222 12.70 19.59 -18.01
CA SER D 222 13.07 18.18 -17.92
C SER D 222 11.98 17.31 -17.27
N THR D 223 10.72 17.68 -17.49
CA THR D 223 9.60 16.89 -16.99
C THR D 223 8.60 16.64 -18.11
N GLN D 224 8.26 15.37 -18.30
CA GLN D 224 7.26 14.95 -19.27
C GLN D 224 6.05 14.32 -18.57
N PRO D 225 4.90 14.23 -19.26
CA PRO D 225 3.80 13.48 -18.66
C PRO D 225 4.02 11.97 -18.80
N VAL D 226 3.24 11.19 -18.05
CA VAL D 226 3.28 9.74 -18.15
C VAL D 226 1.89 9.15 -18.35
N LYS D 227 1.82 8.07 -19.12
CA LYS D 227 0.58 7.31 -19.28
C LYS D 227 0.22 6.59 -17.98
N GLU D 228 -1.06 6.24 -17.82
CA GLU D 228 -1.59 5.74 -16.55
C GLU D 228 -1.10 4.33 -16.16
N GLY D 229 -0.46 3.64 -17.09
CA GLY D 229 0.18 2.35 -16.80
C GLY D 229 1.67 2.48 -16.51
N GLU D 230 2.31 3.48 -17.09
CA GLU D 230 3.77 3.68 -17.01
C GLU D 230 4.26 3.93 -15.58
N ASP D 231 5.56 3.71 -15.38
CA ASP D 231 6.18 3.92 -14.07
C ASP D 231 6.16 5.40 -13.64
N GLU D 232 6.09 5.61 -12.33
CA GLU D 232 5.85 6.92 -11.71
C GLU D 232 6.81 8.02 -12.13
N ARG D 233 8.08 7.67 -12.29
CA ARG D 233 9.14 8.63 -12.57
C ARG D 233 9.68 8.56 -14.01
N ALA D 234 8.94 7.91 -14.90
CA ALA D 234 9.36 7.73 -16.29
C ALA D 234 9.54 9.05 -17.04
N GLY D 235 8.71 10.04 -16.71
CA GLY D 235 8.73 11.34 -17.37
C GLY D 235 9.90 12.24 -16.99
N ARG D 236 10.76 11.74 -16.12
CA ARG D 236 11.91 12.48 -15.62
C ARG D 236 13.16 12.15 -16.41
N GLU D 244 18.86 9.40 -10.65
CA GLU D 244 18.48 9.99 -9.36
C GLU D 244 18.94 11.43 -9.24
N CYS D 245 18.07 12.26 -8.65
CA CYS D 245 18.36 13.68 -8.41
C CYS D 245 19.59 13.88 -7.52
N GLY D 246 20.45 14.82 -7.91
CA GLY D 246 21.71 15.09 -7.20
C GLY D 246 21.55 15.54 -5.77
N ILE D 247 20.37 16.05 -5.44
CA ILE D 247 20.02 16.51 -4.09
C ILE D 247 20.06 15.38 -3.05
N HIS D 248 19.79 14.16 -3.48
CA HIS D 248 19.82 12.96 -2.61
C HIS D 248 21.15 12.22 -2.66
N GLU D 249 21.94 12.49 -3.70
CA GLU D 249 23.26 11.89 -3.86
C GLU D 249 24.30 13.02 -3.88
N ALA D 250 24.48 13.65 -2.73
CA ALA D 250 25.34 14.83 -2.59
C ALA D 250 26.83 14.54 -2.79
N SER D 251 27.27 13.35 -2.38
CA SER D 251 28.68 12.95 -2.43
C SER D 251 29.29 13.01 -3.84
N ARG D 252 28.44 12.88 -4.85
CA ARG D 252 28.86 12.91 -6.26
C ARG D 252 29.37 14.27 -6.73
N PHE D 253 29.27 15.28 -5.86
CA PHE D 253 29.65 16.65 -6.21
C PHE D 253 30.80 17.17 -5.35
#